data_6U43
#
_entry.id   6U43
#
_cell.length_a   57.195
_cell.length_b   62.524
_cell.length_c   63.396
_cell.angle_alpha   64.210
_cell.angle_beta   69.680
_cell.angle_gamma   80.510
#
_symmetry.space_group_name_H-M   'P 1'
#
loop_
_entity.id
_entity.type
_entity.pdbx_description
1 polymer 'Elongation factor 2'
2 non-polymer 'PHOSPHOMETHYLPHOSPHONIC ACID GUANYLATE ESTER'
3 non-polymer 'MAGNESIUM ION'
4 non-polymer 'SULFATE ION'
5 non-polymer 'CHLORIDE ION'
6 water water
#
_entity_poly.entity_id   1
_entity_poly.type   'polypeptide(L)'
_entity_poly.pdbx_seq_one_letter_code
;MGSDKIHHHHHHSSGENLYFQGSGMGRRKKMVERVTTLMDKPEFIRNIGIVAHIDHGKTTLSDNLLAGAGMISKELAGEQ
LFMDFDEEEQKRGITIDSANVSMVHEYEGKEYLINLIDTPGHVDFGGDVTRAMRAVDGAVVVVDAVEGAMPQTETVLRQA
LRENVVPILFINKVDRLIMELKLTPQDMQIRLGAVIDKINKLIKGMKPDSYDGLRLDAAVGKVAFGSALNNWAISVPFMK
KTGIGFKEVIEYCMEDQQQKLAERCPLHAVVNDMVIRFLPNPVQAQKERIKVIWHGDKGSEIGKSMANVDPNGKVALMIT
DISTDPHAGEVATGRLFSGTLERGKEVYISGMPNPNRIQQVGLFMGPERIEVDRITAGNIVAVTGLADAIVGSTASTDKA
MVPFESIRHVSEPVVTVAVEAKHMKDLPKLVEVLRQVAKEDPTLKVTINQETGEHLLAGMGELHLEIVAHRIQRDKHVEI
TTSKPLVVYRETVSAHAGPVEGKSPNRHNRFYIEIEPLQPAIFELVRNGEISMKQQEVERRDILMKAGMSKEEAKGITHI
SENNIFIDMTKGIQYLNETMELVLEGFEEVIKGGPLSREPVMGLKVKLMDAKLHEDSINRGPAQVIPASRQAIQAAMLMA
GATLLEPFQKVFIHVPQEQMGGAMREIQGRRGAILDMKTEGDTTIIEAKAPVAQLFGFAGDIRSATEGRAMWSTEFLGFE
PIPANMLAETVMGIRQRKGLKLEMPKPSDFISP
;
_entity_poly.pdbx_strand_id   A
#
loop_
_chem_comp.id
_chem_comp.type
_chem_comp.name
_chem_comp.formula
CL non-polymer 'CHLORIDE ION' 'Cl -1'
GCP non-polymer 'PHOSPHOMETHYLPHOSPHONIC ACID GUANYLATE ESTER' 'C11 H18 N5 O13 P3'
MG non-polymer 'MAGNESIUM ION' 'Mg 2'
SO4 non-polymer 'SULFATE ION' 'O4 S -2'
#
# COMPACT_ATOMS: atom_id res chain seq x y z
N GLY A 24 -32.61 -15.42 3.20
CA GLY A 24 -33.45 -14.62 4.12
C GLY A 24 -32.77 -13.33 4.52
N MET A 25 -31.97 -13.39 5.58
CA MET A 25 -31.22 -12.23 6.12
C MET A 25 -30.46 -11.51 4.98
N GLY A 26 -30.01 -12.24 3.97
CA GLY A 26 -29.25 -11.63 2.88
C GLY A 26 -30.08 -11.14 1.72
N ARG A 27 -31.42 -11.20 1.82
CA ARG A 27 -32.31 -10.71 0.72
C ARG A 27 -31.91 -9.27 0.38
N ARG A 28 -31.79 -8.97 -0.89
CA ARG A 28 -31.23 -7.68 -1.29
C ARG A 28 -32.02 -6.51 -0.69
N LYS A 29 -33.35 -6.58 -0.71
CA LYS A 29 -34.12 -5.48 -0.17
C LYS A 29 -34.21 -5.51 1.35
N LYS A 30 -34.20 -6.69 1.96
CA LYS A 30 -34.08 -6.77 3.41
C LYS A 30 -32.71 -6.30 3.87
N MET A 31 -31.66 -6.39 3.06
CA MET A 31 -30.29 -5.92 3.42
C MET A 31 -30.23 -4.42 3.12
N VAL A 32 -30.92 -4.02 2.09
CA VAL A 32 -30.98 -2.58 1.88
C VAL A 32 -31.55 -1.90 3.12
N GLU A 33 -32.69 -2.40 3.61
CA GLU A 33 -33.30 -1.77 4.82
C GLU A 33 -32.38 -1.93 6.04
N ARG A 34 -31.80 -3.10 6.20
CA ARG A 34 -30.99 -3.35 7.41
C ARG A 34 -29.68 -2.58 7.39
N VAL A 35 -29.03 -2.53 6.24
CA VAL A 35 -27.77 -1.80 6.13
C VAL A 35 -28.01 -0.30 6.25
N THR A 36 -29.03 0.22 5.55
CA THR A 36 -29.29 1.65 5.61
C THR A 36 -29.68 2.10 7.01
N THR A 37 -30.33 1.23 7.79
CA THR A 37 -30.61 1.55 9.19
C THR A 37 -29.32 1.54 10.01
N LEU A 38 -28.50 0.50 9.86
CA LEU A 38 -27.27 0.40 10.62
C LEU A 38 -26.26 1.48 10.22
N MET A 39 -26.33 1.90 8.97
N MET A 39 -26.31 1.94 8.97
CA MET A 39 -25.36 2.91 8.50
CA MET A 39 -25.33 2.94 8.48
C MET A 39 -25.29 4.18 9.34
C MET A 39 -25.30 4.20 9.35
N ASP A 40 -26.42 4.53 9.96
CA ASP A 40 -26.54 5.78 10.76
C ASP A 40 -26.14 5.56 12.21
N LYS A 41 -25.68 4.36 12.57
CA LYS A 41 -25.42 4.02 13.97
C LYS A 41 -23.97 3.57 14.09
N PRO A 42 -23.03 4.51 14.22
CA PRO A 42 -21.61 4.13 14.24
C PRO A 42 -21.24 3.08 15.27
N GLU A 43 -21.93 3.02 16.42
CA GLU A 43 -21.61 1.99 17.41
C GLU A 43 -21.69 0.59 16.80
N PHE A 44 -22.59 0.40 15.84
CA PHE A 44 -22.89 -0.91 15.29
C PHE A 44 -22.16 -1.22 13.99
N ILE A 45 -21.13 -0.44 13.64
CA ILE A 45 -20.35 -0.62 12.42
C ILE A 45 -19.00 -1.22 12.78
N ARG A 46 -18.49 -2.10 11.93
CA ARG A 46 -17.11 -2.59 12.01
C ARG A 46 -16.54 -2.53 10.61
N ASN A 47 -15.50 -1.75 10.46
CA ASN A 47 -14.78 -1.59 9.11
C ASN A 47 -13.55 -2.45 9.30
N ILE A 48 -13.50 -3.55 8.46
CA ILE A 48 -12.39 -4.52 8.66
C ILE A 48 -11.72 -4.95 7.32
N GLY A 49 -10.46 -5.22 7.48
CA GLY A 49 -9.76 -5.86 6.32
C GLY A 49 -9.33 -7.26 6.71
N ILE A 50 -9.30 -8.09 5.64
CA ILE A 50 -8.80 -9.45 5.75
C ILE A 50 -7.43 -9.48 5.06
N VAL A 51 -6.39 -9.78 5.82
CA VAL A 51 -5.01 -9.64 5.34
C VAL A 51 -4.20 -10.86 5.74
N ALA A 52 -3.25 -11.23 4.88
CA ALA A 52 -2.47 -12.44 5.10
C ALA A 52 -1.42 -12.58 4.01
N HIS A 53 -0.41 -13.39 4.32
CA HIS A 53 0.51 -13.89 3.32
C HIS A 53 -0.27 -14.65 2.25
N ILE A 54 0.31 -14.75 1.07
CA ILE A 54 -0.36 -15.45 -0.07
C ILE A 54 -0.76 -16.92 0.30
N ASP A 55 -1.97 -17.16 -0.10
CA ASP A 55 -2.65 -18.51 0.00
C ASP A 55 -3.04 -18.93 1.42
N HIS A 56 -2.94 -18.03 2.40
CA HIS A 56 -3.28 -18.47 3.75
C HIS A 56 -4.78 -18.60 3.98
N GLY A 57 -5.61 -18.08 3.06
CA GLY A 57 -7.03 -18.37 3.02
C GLY A 57 -7.96 -17.19 3.15
N LYS A 58 -7.50 -16.00 2.76
CA LYS A 58 -8.29 -14.78 2.97
C LYS A 58 -9.64 -14.86 2.26
N THR A 59 -9.64 -15.33 1.01
CA THR A 59 -10.85 -15.26 0.20
C THR A 59 -11.83 -16.37 0.58
N THR A 60 -11.33 -17.56 0.88
CA THR A 60 -12.21 -18.62 1.40
C THR A 60 -12.85 -18.19 2.70
N LEU A 61 -12.08 -17.55 3.59
CA LEU A 61 -12.66 -17.02 4.82
C LEU A 61 -13.73 -15.99 4.50
N SER A 62 -13.38 -14.99 3.67
CA SER A 62 -14.34 -13.95 3.33
C SER A 62 -15.59 -14.55 2.74
N ASP A 63 -15.41 -15.46 1.79
CA ASP A 63 -16.57 -16.09 1.11
C ASP A 63 -17.43 -16.87 2.10
N ASN A 64 -16.81 -17.57 3.05
CA ASN A 64 -17.59 -18.43 3.97
C ASN A 64 -18.25 -17.60 5.07
N LEU A 65 -17.63 -16.47 5.43
CA LEU A 65 -18.28 -15.51 6.36
C LEU A 65 -19.54 -14.97 5.70
N LEU A 66 -19.43 -14.53 4.45
CA LEU A 66 -20.60 -14.02 3.71
C LEU A 66 -21.66 -15.12 3.61
N ALA A 67 -21.24 -16.32 3.25
CA ALA A 67 -22.21 -17.39 3.09
C ALA A 67 -22.81 -17.78 4.44
N GLY A 68 -21.97 -17.99 5.44
CA GLY A 68 -22.47 -18.33 6.76
C GLY A 68 -23.40 -17.26 7.33
N ALA A 69 -23.07 -16.00 7.10
CA ALA A 69 -23.91 -14.91 7.58
C ALA A 69 -25.19 -14.75 6.77
N GLY A 70 -25.33 -15.43 5.66
CA GLY A 70 -26.55 -15.32 4.88
C GLY A 70 -26.52 -14.32 3.75
N MET A 71 -25.39 -13.67 3.54
CA MET A 71 -25.36 -12.60 2.51
C MET A 71 -25.34 -13.16 1.09
N ILE A 72 -24.83 -14.38 0.90
CA ILE A 72 -24.84 -15.05 -0.40
C ILE A 72 -25.25 -16.51 -0.20
N SER A 73 -25.51 -17.18 -1.31
CA SER A 73 -25.80 -18.62 -1.33
C SER A 73 -24.54 -19.41 -1.65
N LEU A 81 -15.08 -19.48 -5.71
CA LEU A 81 -15.24 -18.46 -4.64
C LEU A 81 -15.94 -17.23 -5.26
N PHE A 82 -17.14 -16.80 -4.66
N PHE A 82 -17.04 -16.81 -4.65
CA PHE A 82 -17.95 -15.64 -5.08
CA PHE A 82 -17.85 -15.65 -5.06
C PHE A 82 -17.04 -14.43 -5.23
C PHE A 82 -16.94 -14.44 -5.21
N MET A 83 -16.27 -14.02 -4.14
N MET A 83 -16.34 -13.99 -4.15
CA MET A 83 -15.46 -12.76 -4.04
CA MET A 83 -15.45 -12.79 -4.07
C MET A 83 -14.44 -12.54 -5.17
C MET A 83 -14.40 -12.53 -5.15
N ASP A 84 -13.69 -13.55 -5.56
CA ASP A 84 -12.74 -13.38 -6.70
C ASP A 84 -13.64 -13.28 -7.93
N PHE A 85 -14.07 -12.05 -8.20
N PHE A 85 -14.08 -12.07 -8.22
CA PHE A 85 -14.98 -11.78 -9.31
CA PHE A 85 -15.00 -11.89 -9.34
C PHE A 85 -14.26 -11.81 -10.65
C PHE A 85 -14.33 -11.40 -10.63
N ASP A 86 -13.00 -11.39 -10.70
CA ASP A 86 -12.32 -11.22 -11.98
C ASP A 86 -12.00 -12.58 -12.56
N GLU A 87 -12.17 -12.69 -13.89
CA GLU A 87 -11.93 -13.95 -14.59
C GLU A 87 -10.54 -14.50 -14.29
N GLU A 88 -9.53 -13.63 -14.24
CA GLU A 88 -8.18 -14.08 -13.98
C GLU A 88 -7.99 -14.55 -12.55
N GLU A 89 -8.73 -13.95 -11.61
CA GLU A 89 -8.59 -14.40 -10.20
C GLU A 89 -9.05 -15.87 -10.12
N GLN A 90 -10.15 -16.20 -10.78
CA GLN A 90 -10.62 -17.62 -10.76
C GLN A 90 -9.69 -18.54 -11.56
N LYS A 91 -9.25 -18.03 -12.71
N LYS A 91 -9.22 -18.05 -12.70
CA LYS A 91 -8.39 -18.87 -13.53
CA LYS A 91 -8.35 -18.91 -13.56
C LYS A 91 -7.06 -19.17 -12.83
C LYS A 91 -7.03 -19.17 -12.86
N ARG A 92 -6.47 -18.16 -12.18
CA ARG A 92 -5.18 -18.33 -11.52
C ARG A 92 -5.30 -18.70 -10.05
N GLY A 93 -6.50 -18.64 -9.48
CA GLY A 93 -6.64 -18.86 -8.05
C GLY A 93 -5.82 -17.88 -7.24
N ILE A 94 -5.92 -16.60 -7.57
CA ILE A 94 -5.16 -15.54 -6.91
C ILE A 94 -6.08 -14.33 -6.79
N THR A 95 -5.97 -13.60 -5.68
CA THR A 95 -6.66 -12.33 -5.58
C THR A 95 -5.80 -11.22 -6.16
N ILE A 96 -6.36 -10.44 -7.08
CA ILE A 96 -5.64 -9.37 -7.76
C ILE A 96 -6.04 -8.00 -7.22
N ASP A 97 -7.32 -7.80 -6.95
CA ASP A 97 -7.85 -6.53 -6.49
C ASP A 97 -8.49 -6.71 -5.13
N SER A 98 -8.42 -5.67 -4.30
CA SER A 98 -9.23 -5.66 -3.10
C SER A 98 -10.70 -5.69 -3.50
N ALA A 99 -11.53 -6.32 -2.65
CA ALA A 99 -12.94 -6.45 -2.91
C ALA A 99 -13.68 -6.05 -1.63
N ASN A 100 -14.71 -5.23 -1.80
CA ASN A 100 -15.49 -4.69 -0.69
C ASN A 100 -16.83 -5.42 -0.64
N VAL A 101 -17.16 -5.94 0.57
N VAL A 101 -17.16 -5.89 0.57
CA VAL A 101 -18.50 -6.54 0.83
CA VAL A 101 -18.49 -6.49 0.81
C VAL A 101 -18.91 -6.15 2.27
C VAL A 101 -18.88 -6.21 2.26
N SER A 102 -20.14 -6.41 2.55
CA SER A 102 -20.54 -6.24 3.92
C SER A 102 -21.42 -7.40 4.37
N MET A 103 -21.57 -7.51 5.67
CA MET A 103 -22.39 -8.52 6.31
C MET A 103 -23.16 -7.84 7.42
N VAL A 104 -24.37 -8.32 7.68
CA VAL A 104 -25.07 -8.00 8.92
C VAL A 104 -24.96 -9.22 9.82
N HIS A 105 -24.57 -8.99 11.06
CA HIS A 105 -24.37 -10.07 12.05
C HIS A 105 -24.99 -9.68 13.38
N GLU A 106 -25.75 -10.58 13.98
CA GLU A 106 -26.38 -10.32 15.29
C GLU A 106 -25.44 -10.75 16.41
N TYR A 107 -25.29 -9.91 17.42
CA TYR A 107 -24.41 -10.20 18.56
C TYR A 107 -25.07 -9.64 19.82
N GLU A 108 -25.30 -10.51 20.80
CA GLU A 108 -25.96 -10.11 22.07
C GLU A 108 -27.26 -9.34 21.77
N GLY A 109 -28.10 -9.88 20.91
CA GLY A 109 -29.40 -9.31 20.56
C GLY A 109 -29.38 -8.01 19.78
N LYS A 110 -28.25 -7.66 19.16
CA LYS A 110 -28.21 -6.41 18.37
C LYS A 110 -27.56 -6.71 17.01
N GLU A 111 -28.00 -6.03 15.97
CA GLU A 111 -27.39 -6.24 14.64
C GLU A 111 -26.23 -5.28 14.42
N TYR A 112 -25.20 -5.81 13.76
CA TYR A 112 -23.99 -5.06 13.45
C TYR A 112 -23.72 -5.13 11.95
N LEU A 113 -23.20 -4.04 11.42
CA LEU A 113 -22.79 -3.95 10.02
C LEU A 113 -21.29 -4.14 9.96
N ILE A 114 -20.86 -5.22 9.31
CA ILE A 114 -19.44 -5.51 9.14
C ILE A 114 -19.08 -5.21 7.69
N ASN A 115 -18.36 -4.12 7.47
CA ASN A 115 -17.81 -3.79 6.15
C ASN A 115 -16.46 -4.47 6.03
N LEU A 116 -16.34 -5.38 5.07
CA LEU A 116 -15.19 -6.25 4.93
C LEU A 116 -14.48 -5.94 3.62
N ILE A 117 -13.15 -5.88 3.68
CA ILE A 117 -12.32 -5.77 2.48
C ILE A 117 -11.42 -6.99 2.41
N ASP A 118 -11.59 -7.80 1.37
CA ASP A 118 -10.69 -8.91 1.08
C ASP A 118 -9.54 -8.35 0.25
N THR A 119 -8.30 -8.65 0.65
CA THR A 119 -7.14 -8.03 0.04
C THR A 119 -6.23 -9.06 -0.63
N PRO A 120 -5.44 -8.65 -1.62
CA PRO A 120 -4.53 -9.60 -2.29
C PRO A 120 -3.40 -10.01 -1.37
N GLY A 121 -2.89 -11.22 -1.59
CA GLY A 121 -1.76 -11.69 -0.83
C GLY A 121 -0.44 -11.51 -1.54
N HIS A 122 -0.45 -11.65 -2.87
CA HIS A 122 0.78 -11.56 -3.65
C HIS A 122 1.43 -10.19 -3.46
N VAL A 123 2.75 -10.19 -3.27
N VAL A 123 2.76 -10.19 -3.27
CA VAL A 123 3.50 -8.96 -3.01
CA VAL A 123 3.49 -8.95 -3.03
C VAL A 123 3.32 -7.93 -4.12
C VAL A 123 3.23 -7.92 -4.12
N ASP A 124 3.12 -8.39 -5.36
CA ASP A 124 2.98 -7.45 -6.48
C ASP A 124 1.73 -6.60 -6.39
N PHE A 125 0.71 -7.07 -5.67
CA PHE A 125 -0.54 -6.35 -5.52
C PHE A 125 -0.64 -5.71 -4.14
N GLY A 126 0.49 -5.51 -3.48
CA GLY A 126 0.47 -4.94 -2.14
C GLY A 126 -0.16 -3.57 -2.07
N GLY A 127 -0.16 -2.82 -3.17
CA GLY A 127 -0.78 -1.51 -3.14
C GLY A 127 -2.25 -1.57 -2.73
N ASP A 128 -2.94 -2.63 -3.15
CA ASP A 128 -4.33 -2.83 -2.74
C ASP A 128 -4.45 -3.04 -1.23
N VAL A 129 -3.47 -3.72 -0.61
CA VAL A 129 -3.49 -3.86 0.85
C VAL A 129 -3.33 -2.50 1.53
N THR A 130 -2.39 -1.72 1.06
CA THR A 130 -2.13 -0.38 1.64
C THR A 130 -3.37 0.49 1.47
N ARG A 131 -4.05 0.45 0.35
CA ARG A 131 -5.24 1.28 0.15
C ARG A 131 -6.40 0.79 1.02
N ALA A 132 -6.55 -0.52 1.15
CA ALA A 132 -7.58 -1.10 2.03
C ALA A 132 -7.33 -0.70 3.47
N MET A 133 -6.07 -0.77 3.92
CA MET A 133 -5.78 -0.48 5.31
C MET A 133 -6.14 0.94 5.68
N ARG A 134 -6.01 1.89 4.77
CA ARG A 134 -6.42 3.26 5.07
C ARG A 134 -7.91 3.35 5.36
N ALA A 135 -8.74 2.49 4.76
CA ALA A 135 -10.19 2.60 4.91
C ALA A 135 -10.74 1.92 6.16
N VAL A 136 -10.02 0.99 6.78
CA VAL A 136 -10.58 0.12 7.80
C VAL A 136 -10.04 0.52 9.18
N ASP A 137 -10.68 -0.02 10.21
CA ASP A 137 -10.28 0.21 11.59
C ASP A 137 -9.80 -1.04 12.28
N GLY A 138 -10.08 -2.21 11.71
CA GLY A 138 -9.67 -3.47 12.29
C GLY A 138 -9.22 -4.39 11.17
N ALA A 139 -8.37 -5.36 11.53
CA ALA A 139 -7.86 -6.31 10.56
C ALA A 139 -7.97 -7.71 11.14
N VAL A 140 -8.47 -8.65 10.34
CA VAL A 140 -8.34 -10.06 10.66
C VAL A 140 -7.09 -10.53 9.93
N VAL A 141 -6.04 -10.80 10.70
CA VAL A 141 -4.82 -11.37 10.14
C VAL A 141 -5.02 -12.88 10.10
N VAL A 142 -5.00 -13.44 8.89
CA VAL A 142 -5.18 -14.88 8.69
C VAL A 142 -3.80 -15.48 8.58
N VAL A 143 -3.55 -16.57 9.31
CA VAL A 143 -2.27 -17.27 9.27
C VAL A 143 -2.53 -18.76 9.07
N ASP A 144 -1.84 -19.38 8.13
CA ASP A 144 -1.94 -20.85 7.90
C ASP A 144 -1.24 -21.55 9.05
N ALA A 145 -2.00 -22.48 9.66
CA ALA A 145 -1.43 -23.22 10.78
C ALA A 145 -0.20 -24.03 10.31
N VAL A 146 -0.16 -24.43 9.03
CA VAL A 146 0.94 -25.27 8.59
C VAL A 146 2.21 -24.43 8.37
N GLU A 147 2.12 -23.44 7.47
CA GLU A 147 3.27 -22.57 7.22
C GLU A 147 3.60 -21.66 8.40
N GLY A 148 2.61 -21.36 9.25
CA GLY A 148 2.88 -20.39 10.30
C GLY A 148 3.02 -18.98 9.73
N ALA A 149 3.53 -18.08 10.56
CA ALA A 149 3.77 -16.72 10.11
C ALA A 149 4.81 -16.72 8.99
N MET A 150 4.52 -15.94 7.94
CA MET A 150 5.33 -15.88 6.73
C MET A 150 5.75 -14.43 6.46
N PRO A 151 6.60 -14.17 5.46
CA PRO A 151 7.07 -12.78 5.25
C PRO A 151 5.98 -11.72 5.16
N GLN A 152 4.94 -11.93 4.36
CA GLN A 152 3.90 -10.91 4.27
C GLN A 152 2.93 -10.92 5.45
N THR A 153 2.95 -11.96 6.31
CA THR A 153 2.26 -11.82 7.59
C THR A 153 2.82 -10.62 8.33
N GLU A 154 4.14 -10.48 8.36
CA GLU A 154 4.76 -9.34 9.02
C GLU A 154 4.43 -8.04 8.28
N THR A 155 4.45 -8.05 6.95
CA THR A 155 4.20 -6.83 6.18
C THR A 155 2.80 -6.29 6.46
N VAL A 156 1.77 -7.15 6.39
CA VAL A 156 0.41 -6.66 6.57
C VAL A 156 0.17 -6.23 8.02
N LEU A 157 0.75 -6.93 8.99
CA LEU A 157 0.65 -6.51 10.38
C LEU A 157 1.26 -5.13 10.57
N ARG A 158 2.45 -4.93 10.02
CA ARG A 158 3.11 -3.59 10.09
C ARG A 158 2.24 -2.53 9.44
N GLN A 159 1.65 -2.81 8.29
N GLN A 159 1.63 -2.80 8.30
CA GLN A 159 0.74 -1.88 7.54
CA GLN A 159 0.75 -1.84 7.59
C GLN A 159 -0.48 -1.54 8.41
C GLN A 159 -0.49 -1.52 8.42
N ALA A 160 -1.00 -2.54 9.14
CA ALA A 160 -2.14 -2.27 10.01
C ALA A 160 -1.73 -1.37 11.18
N LEU A 161 -0.63 -1.72 11.87
CA LEU A 161 -0.23 -0.96 13.04
C LEU A 161 0.17 0.47 12.69
N ARG A 162 0.70 0.66 11.49
N ARG A 162 0.69 0.65 11.49
CA ARG A 162 1.12 2.02 11.07
CA ARG A 162 1.12 2.02 11.08
C ARG A 162 -0.11 2.89 10.85
C ARG A 162 -0.11 2.88 10.83
N GLU A 163 -1.25 2.25 10.58
CA GLU A 163 -2.51 2.94 10.37
C GLU A 163 -3.36 3.01 11.64
N ASN A 164 -2.81 2.54 12.77
CA ASN A 164 -3.59 2.44 14.03
C ASN A 164 -4.81 1.55 13.86
N VAL A 165 -4.71 0.55 13.00
CA VAL A 165 -5.72 -0.49 12.83
C VAL A 165 -5.46 -1.58 13.85
N VAL A 166 -6.53 -2.06 14.49
CA VAL A 166 -6.41 -3.08 15.53
C VAL A 166 -6.45 -4.46 14.89
N PRO A 167 -5.48 -5.36 15.19
CA PRO A 167 -5.51 -6.70 14.61
C PRO A 167 -6.10 -7.75 15.52
N ILE A 168 -6.83 -8.71 14.96
CA ILE A 168 -7.10 -9.99 15.60
C ILE A 168 -6.56 -11.10 14.70
N LEU A 169 -6.50 -12.32 15.24
CA LEU A 169 -5.81 -13.41 14.56
C LEU A 169 -6.77 -14.57 14.30
N PHE A 170 -6.83 -15.03 13.05
CA PHE A 170 -7.52 -16.26 12.69
C PHE A 170 -6.50 -17.25 12.15
N ILE A 171 -6.25 -18.34 12.88
CA ILE A 171 -5.35 -19.37 12.40
C ILE A 171 -6.15 -20.38 11.58
N ASN A 172 -5.81 -20.46 10.30
CA ASN A 172 -6.61 -21.24 9.33
C ASN A 172 -5.92 -22.56 8.98
N LYS A 173 -6.67 -23.37 8.26
CA LYS A 173 -6.17 -24.65 7.77
C LYS A 173 -5.82 -25.60 8.91
N VAL A 174 -6.48 -25.45 10.05
CA VAL A 174 -6.26 -26.36 11.17
C VAL A 174 -6.61 -27.80 10.79
N ASP A 175 -7.52 -27.98 9.85
CA ASP A 175 -7.83 -29.34 9.27
C ASP A 175 -6.53 -29.99 8.77
N ARG A 176 -5.69 -29.25 8.08
CA ARG A 176 -4.46 -29.82 7.52
C ARG A 176 -3.50 -30.12 8.64
N LEU A 177 -3.41 -29.22 9.56
CA LEU A 177 -2.56 -29.49 10.71
C LEU A 177 -2.95 -30.81 11.38
N ILE A 178 -4.24 -31.11 11.40
CA ILE A 178 -4.75 -32.31 12.07
C ILE A 178 -4.59 -33.54 11.20
N MET A 179 -5.02 -33.43 9.94
N MET A 179 -4.96 -33.43 9.93
CA MET A 179 -5.11 -34.59 9.02
CA MET A 179 -5.02 -34.64 9.10
C MET A 179 -3.77 -34.99 8.38
C MET A 179 -3.69 -35.01 8.42
N GLU A 180 -2.97 -34.04 7.90
CA GLU A 180 -1.69 -34.33 7.25
C GLU A 180 -0.53 -34.48 8.22
N LEU A 181 -0.65 -34.05 9.46
CA LEU A 181 0.48 -34.20 10.40
C LEU A 181 0.07 -35.12 11.57
N LYS A 182 -1.20 -35.57 11.53
CA LYS A 182 -1.82 -36.45 12.56
C LYS A 182 -1.34 -35.94 13.91
N LEU A 183 -1.66 -34.69 14.22
CA LEU A 183 -1.02 -34.13 15.41
C LEU A 183 -1.97 -34.27 16.58
N THR A 184 -1.47 -34.64 17.75
CA THR A 184 -2.33 -34.89 18.94
C THR A 184 -2.87 -33.62 19.57
N PRO A 185 -3.89 -33.70 20.42
CA PRO A 185 -4.48 -32.49 21.03
C PRO A 185 -3.41 -31.61 21.71
N GLN A 186 -2.44 -32.23 22.38
CA GLN A 186 -1.38 -31.44 23.06
C GLN A 186 -0.36 -30.90 22.04
N ASP A 187 0.01 -31.67 21.03
CA ASP A 187 1.03 -31.12 20.11
C ASP A 187 0.44 -30.03 19.19
N MET A 188 -0.68 -30.35 18.56
N MET A 188 -0.93 -30.37 18.64
CA MET A 188 -1.31 -29.33 17.69
CA MET A 188 -1.38 -29.25 17.79
C MET A 188 -1.36 -28.03 18.50
C MET A 188 -1.34 -27.93 18.60
N GLN A 189 -1.75 -28.12 19.78
N GLN A 189 -1.81 -27.99 19.86
CA GLN A 189 -1.85 -26.95 20.68
CA GLN A 189 -1.87 -26.84 20.79
C GLN A 189 -0.50 -26.21 20.74
C GLN A 189 -0.50 -26.18 20.85
N ILE A 190 0.56 -26.95 21.07
CA ILE A 190 1.92 -26.36 21.11
C ILE A 190 2.21 -25.61 19.79
N ARG A 191 1.80 -26.13 18.65
CA ARG A 191 2.11 -25.53 17.33
C ARG A 191 1.27 -24.27 17.12
N LEU A 192 0.03 -24.31 17.51
CA LEU A 192 -0.83 -23.13 17.44
C LEU A 192 -0.34 -22.05 18.39
N GLY A 193 0.09 -22.44 19.60
CA GLY A 193 0.59 -21.46 20.55
C GLY A 193 1.84 -20.76 20.05
N ALA A 194 2.71 -21.49 19.35
CA ALA A 194 3.90 -20.87 18.78
C ALA A 194 3.53 -19.79 17.78
N VAL A 195 2.48 -20.02 16.98
CA VAL A 195 2.04 -19.01 16.02
C VAL A 195 1.55 -17.76 16.75
N ILE A 196 0.77 -17.95 17.81
CA ILE A 196 0.25 -16.81 18.57
C ILE A 196 1.40 -16.02 19.18
N ASP A 197 2.37 -16.73 19.78
CA ASP A 197 3.51 -16.05 20.39
C ASP A 197 4.32 -15.29 19.36
N LYS A 198 4.45 -15.84 18.15
CA LYS A 198 5.19 -15.17 17.09
C LYS A 198 4.50 -13.88 16.66
N ILE A 199 3.18 -13.94 16.46
CA ILE A 199 2.44 -12.73 16.10
C ILE A 199 2.57 -11.69 17.20
N ASN A 200 2.48 -12.12 18.47
CA ASN A 200 2.61 -11.17 19.57
C ASN A 200 4.02 -10.56 19.60
N LYS A 201 5.03 -11.35 19.27
CA LYS A 201 6.39 -10.81 19.23
C LYS A 201 6.53 -9.76 18.16
N LEU A 202 5.91 -9.99 17.00
CA LEU A 202 5.90 -8.98 15.94
C LEU A 202 5.22 -7.70 16.40
N ILE A 203 4.07 -7.82 17.07
CA ILE A 203 3.35 -6.64 17.55
C ILE A 203 4.21 -5.88 18.54
N LYS A 204 4.80 -6.58 19.52
CA LYS A 204 5.60 -5.93 20.53
C LYS A 204 6.79 -5.21 19.92
N GLY A 205 7.39 -5.79 18.87
CA GLY A 205 8.52 -5.14 18.23
C GLY A 205 8.12 -3.90 17.46
N MET A 206 6.92 -3.89 16.87
CA MET A 206 6.47 -2.79 16.04
C MET A 206 5.94 -1.63 16.88
N LYS A 207 5.17 -1.92 17.93
CA LYS A 207 4.53 -0.91 18.77
C LYS A 207 4.74 -1.24 20.24
N PRO A 208 5.95 -1.11 20.78
CA PRO A 208 6.18 -1.48 22.16
C PRO A 208 5.29 -0.76 23.17
N ASP A 209 4.94 0.49 22.88
CA ASP A 209 4.17 1.29 23.86
C ASP A 209 2.67 0.96 23.86
N SER A 210 2.18 0.24 22.85
CA SER A 210 0.74 -0.13 22.89
C SER A 210 0.60 -1.65 22.88
N TYR A 211 1.68 -2.35 23.15
CA TYR A 211 1.63 -3.81 23.11
C TYR A 211 0.64 -4.37 24.12
N ASP A 212 0.65 -3.87 25.34
CA ASP A 212 -0.27 -4.37 26.35
C ASP A 212 -1.72 -4.36 25.89
N GLY A 213 -2.17 -3.29 25.24
CA GLY A 213 -3.54 -3.25 24.78
C GLY A 213 -3.79 -4.13 23.56
N LEU A 214 -2.79 -4.26 22.69
CA LEU A 214 -2.93 -5.00 21.44
C LEU A 214 -2.68 -6.49 21.57
N ARG A 215 -2.03 -6.92 22.65
CA ARG A 215 -1.62 -8.36 22.83
C ARG A 215 -2.78 -9.27 22.55
N LEU A 216 -2.50 -10.31 21.75
CA LEU A 216 -3.49 -11.32 21.43
C LEU A 216 -3.49 -12.39 22.51
N ASP A 217 -4.66 -12.65 23.06
CA ASP A 217 -4.87 -13.62 24.16
C ASP A 217 -5.90 -14.62 23.67
N ALA A 218 -5.45 -15.85 23.45
CA ALA A 218 -6.39 -16.89 23.05
C ALA A 218 -7.47 -17.09 24.12
N ALA A 219 -7.10 -16.99 25.40
CA ALA A 219 -8.05 -17.29 26.47
C ALA A 219 -9.21 -16.30 26.49
N VAL A 220 -8.97 -15.03 26.14
CA VAL A 220 -10.16 -14.15 26.09
C VAL A 220 -10.86 -14.25 24.75
N GLY A 221 -10.18 -14.76 23.74
CA GLY A 221 -10.89 -14.94 22.47
C GLY A 221 -10.46 -14.00 21.34
N LYS A 222 -9.30 -13.36 21.42
CA LYS A 222 -8.76 -12.47 20.34
C LYS A 222 -8.09 -13.35 19.26
N VAL A 223 -8.10 -14.66 19.47
CA VAL A 223 -7.60 -15.62 18.50
C VAL A 223 -8.68 -16.67 18.29
N ALA A 224 -8.92 -17.02 17.03
CA ALA A 224 -9.76 -18.15 16.68
C ALA A 224 -8.95 -19.06 15.78
N PHE A 225 -9.39 -20.32 15.70
CA PHE A 225 -8.69 -21.36 14.96
C PHE A 225 -9.73 -22.17 14.21
N GLY A 226 -9.44 -22.52 12.97
CA GLY A 226 -10.40 -23.36 12.27
C GLY A 226 -10.01 -23.65 10.84
N SER A 227 -11.05 -23.96 10.07
CA SER A 227 -10.90 -24.30 8.66
C SER A 227 -11.92 -23.47 7.87
N ALA A 228 -11.45 -22.40 7.23
CA ALA A 228 -12.35 -21.64 6.37
C ALA A 228 -12.95 -22.54 5.30
N LEU A 229 -12.15 -23.46 4.74
CA LEU A 229 -12.62 -24.31 3.67
C LEU A 229 -13.78 -25.19 4.12
N ASN A 230 -13.73 -25.64 5.37
CA ASN A 230 -14.73 -26.61 5.89
C ASN A 230 -15.77 -25.94 6.80
N ASN A 231 -15.77 -24.61 6.86
CA ASN A 231 -16.83 -23.84 7.53
C ASN A 231 -16.90 -24.02 9.05
N TRP A 232 -15.78 -24.25 9.69
CA TRP A 232 -15.80 -24.37 11.14
C TRP A 232 -14.67 -23.57 11.78
N ALA A 233 -14.89 -23.19 13.04
CA ALA A 233 -13.88 -22.47 13.83
C ALA A 233 -14.20 -22.62 15.29
N ILE A 234 -13.16 -22.52 16.12
CA ILE A 234 -13.28 -22.56 17.57
C ILE A 234 -12.41 -21.46 18.16
N SER A 235 -12.64 -21.18 19.43
CA SER A 235 -11.74 -20.34 20.22
C SER A 235 -11.75 -20.92 21.63
N VAL A 236 -10.77 -20.50 22.44
CA VAL A 236 -10.72 -20.98 23.83
C VAL A 236 -12.00 -20.69 24.60
N PRO A 237 -12.52 -19.46 24.65
CA PRO A 237 -13.75 -19.23 25.34
C PRO A 237 -14.93 -19.99 24.75
N PHE A 238 -14.99 -20.14 23.45
CA PHE A 238 -16.11 -20.80 22.77
C PHE A 238 -16.08 -22.30 23.11
N MET A 239 -14.88 -22.85 23.21
CA MET A 239 -14.78 -24.29 23.56
C MET A 239 -15.25 -24.44 25.02
N LYS A 240 -14.78 -23.59 25.90
CA LYS A 240 -15.19 -23.63 27.33
C LYS A 240 -16.70 -23.34 27.45
N LYS A 241 -17.43 -23.10 26.38
CA LYS A 241 -18.88 -22.84 26.60
C LYS A 241 -19.73 -23.83 25.81
N THR A 242 -19.17 -24.36 24.74
CA THR A 242 -19.82 -25.32 23.81
C THR A 242 -19.57 -26.71 24.38
N GLY A 243 -18.83 -26.73 25.47
CA GLY A 243 -18.54 -28.06 26.03
C GLY A 243 -17.86 -28.90 24.98
N ILE A 244 -17.04 -28.28 24.13
CA ILE A 244 -16.35 -29.03 23.07
C ILE A 244 -14.87 -28.83 23.30
N GLY A 245 -14.14 -29.91 23.16
CA GLY A 245 -12.69 -29.91 23.35
C GLY A 245 -11.99 -30.17 22.04
N PHE A 246 -10.67 -29.98 22.08
N PHE A 246 -10.69 -30.03 22.12
CA PHE A 246 -9.84 -30.10 20.86
CA PHE A 246 -9.88 -30.10 20.90
C PHE A 246 -9.87 -31.56 20.42
C PHE A 246 -9.78 -31.55 20.43
N LYS A 247 -9.85 -32.46 21.41
CA LYS A 247 -9.90 -33.88 21.10
C LYS A 247 -11.08 -34.21 20.19
N GLU A 248 -12.22 -33.58 20.41
CA GLU A 248 -13.44 -33.83 19.60
C GLU A 248 -13.25 -33.29 18.19
N VAL A 249 -12.57 -32.15 18.07
CA VAL A 249 -12.30 -31.59 16.76
C VAL A 249 -11.45 -32.55 15.94
N ILE A 250 -10.44 -33.16 16.56
CA ILE A 250 -9.61 -34.12 15.85
C ILE A 250 -10.45 -35.29 15.36
N GLU A 251 -11.35 -35.79 16.21
CA GLU A 251 -12.20 -36.92 15.84
C GLU A 251 -13.09 -36.58 14.65
N TYR A 252 -13.69 -35.38 14.65
CA TYR A 252 -14.53 -34.99 13.51
C TYR A 252 -13.73 -35.03 12.21
N CYS A 253 -12.51 -34.49 12.23
CA CYS A 253 -11.69 -34.47 11.02
C CYS A 253 -11.25 -35.87 10.62
N MET A 254 -10.82 -36.68 11.59
CA MET A 254 -10.35 -38.03 11.28
C MET A 254 -11.46 -38.91 10.73
N GLU A 255 -12.67 -38.69 11.23
CA GLU A 255 -13.88 -39.46 10.85
C GLU A 255 -14.61 -38.89 9.63
N ASP A 256 -14.01 -37.90 8.97
CA ASP A 256 -14.60 -37.33 7.73
C ASP A 256 -16.00 -36.80 8.01
N GLN A 257 -16.13 -36.10 9.15
CA GLN A 257 -17.41 -35.47 9.54
C GLN A 257 -17.18 -34.00 9.87
N GLN A 258 -16.38 -33.35 9.04
CA GLN A 258 -16.17 -31.93 9.26
C GLN A 258 -17.46 -31.14 9.07
N GLN A 259 -18.37 -31.63 8.26
CA GLN A 259 -19.66 -30.92 8.09
C GLN A 259 -20.44 -30.92 9.39
N LYS A 260 -20.40 -32.03 10.11
CA LYS A 260 -21.07 -32.06 11.42
C LYS A 260 -20.34 -31.09 12.35
N LEU A 261 -19.02 -31.04 12.30
CA LEU A 261 -18.30 -30.04 13.09
C LEU A 261 -18.74 -28.62 12.73
N ALA A 262 -18.95 -28.36 11.44
CA ALA A 262 -19.37 -27.02 11.02
C ALA A 262 -20.75 -26.66 11.55
N GLU A 263 -21.60 -27.66 11.82
CA GLU A 263 -22.89 -27.40 12.45
C GLU A 263 -22.71 -27.00 13.90
N ARG A 264 -21.78 -27.63 14.62
CA ARG A 264 -21.58 -27.33 16.03
C ARG A 264 -20.73 -26.08 16.26
N CYS A 265 -19.74 -25.83 15.40
CA CYS A 265 -18.78 -24.71 15.58
C CYS A 265 -18.78 -23.86 14.29
N PRO A 266 -19.81 -23.10 14.00
CA PRO A 266 -19.89 -22.42 12.69
C PRO A 266 -18.82 -21.35 12.53
N LEU A 267 -18.09 -21.41 11.41
CA LEU A 267 -17.07 -20.41 11.12
C LEU A 267 -17.59 -19.00 11.28
N HIS A 268 -18.74 -18.68 10.67
CA HIS A 268 -19.19 -17.30 10.67
C HIS A 268 -19.58 -16.85 12.07
N ALA A 269 -20.12 -17.75 12.89
CA ALA A 269 -20.52 -17.35 14.23
C ALA A 269 -19.31 -17.03 15.09
N VAL A 270 -18.32 -17.91 15.08
CA VAL A 270 -17.13 -17.72 15.91
C VAL A 270 -16.33 -16.50 15.47
N VAL A 271 -16.08 -16.38 14.16
CA VAL A 271 -15.24 -15.27 13.69
C VAL A 271 -15.98 -13.93 13.76
N ASN A 272 -17.25 -13.89 13.36
CA ASN A 272 -17.96 -12.62 13.43
C ASN A 272 -18.17 -12.16 14.86
N ASP A 273 -18.40 -13.10 15.79
CA ASP A 273 -18.44 -12.73 17.19
C ASP A 273 -17.12 -12.08 17.62
N MET A 274 -16.00 -12.66 17.20
CA MET A 274 -14.69 -12.10 17.54
C MET A 274 -14.52 -10.71 16.95
N VAL A 275 -15.01 -10.49 15.72
CA VAL A 275 -14.95 -9.17 15.11
C VAL A 275 -15.72 -8.15 15.95
N ILE A 276 -16.94 -8.49 16.36
CA ILE A 276 -17.76 -7.54 17.11
C ILE A 276 -17.14 -7.27 18.47
N ARG A 277 -16.67 -8.32 19.13
N ARG A 277 -16.67 -8.32 19.13
CA ARG A 277 -16.17 -8.17 20.51
CA ARG A 277 -16.17 -8.17 20.52
C ARG A 277 -14.78 -7.53 20.62
C ARG A 277 -14.79 -7.52 20.61
N PHE A 278 -13.97 -7.64 19.57
CA PHE A 278 -12.59 -7.19 19.70
C PHE A 278 -12.11 -6.21 18.62
N LEU A 279 -12.84 -6.05 17.51
CA LEU A 279 -12.42 -5.00 16.62
C LEU A 279 -13.25 -3.75 16.87
N PRO A 280 -12.68 -2.56 16.70
CA PRO A 280 -13.36 -1.34 17.15
C PRO A 280 -14.41 -0.82 16.18
N ASN A 281 -15.42 -0.17 16.73
CA ASN A 281 -16.35 0.62 15.95
C ASN A 281 -15.74 1.98 15.65
N PRO A 282 -16.36 2.75 14.74
CA PRO A 282 -15.76 4.06 14.39
C PRO A 282 -15.71 5.05 15.54
N VAL A 283 -16.64 4.97 16.50
CA VAL A 283 -16.60 5.87 17.66
C VAL A 283 -15.35 5.62 18.48
N GLN A 284 -14.97 4.34 18.62
CA GLN A 284 -13.71 4.02 19.28
C GLN A 284 -12.50 4.37 18.42
N ALA A 285 -12.57 4.09 17.11
CA ALA A 285 -11.36 4.04 16.29
C ALA A 285 -11.00 5.36 15.65
N GLN A 286 -11.97 6.20 15.25
CA GLN A 286 -11.63 7.34 14.41
C GLN A 286 -10.64 8.29 15.08
N LYS A 287 -10.81 8.53 16.38
CA LYS A 287 -9.87 9.37 17.10
C LYS A 287 -8.47 8.77 17.12
N GLU A 288 -8.35 7.45 17.01
CA GLU A 288 -7.03 6.82 16.91
C GLU A 288 -6.49 6.89 15.49
N ARG A 289 -7.34 6.68 14.50
CA ARG A 289 -6.90 6.74 13.11
C ARG A 289 -6.32 8.11 12.78
N ILE A 290 -6.96 9.19 13.21
CA ILE A 290 -6.52 10.53 12.83
C ILE A 290 -5.19 10.90 13.47
N LYS A 291 -4.77 10.21 14.53
CA LYS A 291 -3.45 10.45 15.07
C LYS A 291 -2.36 10.20 14.02
N VAL A 292 -2.57 9.22 13.14
CA VAL A 292 -1.55 8.82 12.19
C VAL A 292 -1.87 9.16 10.73
N ILE A 293 -3.13 9.37 10.36
CA ILE A 293 -3.44 9.69 8.98
C ILE A 293 -3.62 11.18 8.76
N TRP A 294 -3.49 12.00 9.80
CA TRP A 294 -3.87 13.40 9.69
C TRP A 294 -3.00 14.22 10.63
N HIS A 295 -2.35 15.26 10.10
CA HIS A 295 -1.55 16.15 10.92
C HIS A 295 -2.33 17.37 11.39
N GLY A 296 -3.62 17.43 11.13
CA GLY A 296 -4.46 18.46 11.70
C GLY A 296 -4.64 18.30 13.19
N ASP A 297 -5.22 19.35 13.78
CA ASP A 297 -5.41 19.42 15.22
C ASP A 297 -6.72 18.72 15.59
N LYS A 298 -6.63 17.71 16.46
CA LYS A 298 -7.83 16.96 16.86
C LYS A 298 -8.85 17.86 17.54
N GLY A 299 -8.42 19.01 18.06
CA GLY A 299 -9.32 19.95 18.69
C GLY A 299 -9.96 20.98 17.78
N SER A 300 -9.58 21.02 16.50
CA SER A 300 -10.25 21.88 15.53
C SER A 300 -11.68 21.38 15.31
N GLU A 301 -12.49 22.21 14.64
N GLU A 301 -12.49 22.18 14.64
CA GLU A 301 -13.89 21.81 14.41
CA GLU A 301 -13.90 21.79 14.40
C GLU A 301 -13.98 20.48 13.64
C GLU A 301 -13.93 20.43 13.67
N ILE A 302 -13.18 20.34 12.58
CA ILE A 302 -13.25 19.12 11.80
C ILE A 302 -12.60 17.96 12.56
N GLY A 303 -11.57 18.23 13.35
CA GLY A 303 -10.99 17.17 14.17
C GLY A 303 -11.97 16.60 15.16
N LYS A 304 -12.76 17.46 15.81
CA LYS A 304 -13.74 16.98 16.76
C LYS A 304 -14.89 16.26 16.07
N SER A 305 -15.32 16.73 14.91
N SER A 305 -15.33 16.76 14.92
CA SER A 305 -16.41 16.05 14.21
CA SER A 305 -16.39 16.07 14.19
C SER A 305 -15.97 14.70 13.66
C SER A 305 -15.94 14.68 13.75
N MET A 306 -14.70 14.55 13.28
CA MET A 306 -14.18 13.23 12.91
C MET A 306 -14.08 12.33 14.13
N ALA A 307 -13.59 12.86 15.26
CA ALA A 307 -13.48 12.06 16.46
C ALA A 307 -14.84 11.61 16.97
N ASN A 308 -15.88 12.39 16.77
CA ASN A 308 -17.24 12.07 17.25
C ASN A 308 -18.08 11.36 16.20
N VAL A 309 -17.49 11.10 14.99
CA VAL A 309 -18.23 10.42 13.90
C VAL A 309 -19.56 11.13 13.64
N ASP A 310 -19.46 12.46 13.54
CA ASP A 310 -20.66 13.29 13.49
C ASP A 310 -21.21 13.35 12.09
N PRO A 311 -22.42 12.90 11.88
CA PRO A 311 -23.05 13.06 10.55
C PRO A 311 -23.40 14.49 10.21
N ASN A 312 -23.51 15.36 11.21
CA ASN A 312 -23.81 16.77 10.99
C ASN A 312 -22.57 17.64 10.96
N GLY A 313 -21.38 17.06 11.10
CA GLY A 313 -20.17 17.81 10.83
C GLY A 313 -20.00 18.12 9.35
N LYS A 314 -19.00 18.93 9.05
CA LYS A 314 -18.67 19.12 7.64
C LYS A 314 -18.06 17.85 7.10
N VAL A 315 -18.07 17.72 5.78
CA VAL A 315 -17.59 16.50 5.14
C VAL A 315 -16.09 16.41 5.26
N ALA A 316 -15.60 15.25 5.69
CA ALA A 316 -14.19 14.89 5.56
C ALA A 316 -14.17 13.45 5.06
N LEU A 317 -13.75 13.27 3.81
CA LEU A 317 -13.81 11.98 3.12
C LEU A 317 -12.41 11.65 2.62
N MET A 318 -11.91 10.48 3.03
CA MET A 318 -10.59 10.00 2.64
C MET A 318 -10.78 9.07 1.46
N ILE A 319 -10.33 9.49 0.27
CA ILE A 319 -10.47 8.66 -0.93
C ILE A 319 -9.32 7.64 -0.95
N THR A 320 -9.67 6.35 -1.00
CA THR A 320 -8.70 5.27 -0.94
C THR A 320 -8.60 4.44 -2.21
N ASP A 321 -9.56 4.56 -3.13
CA ASP A 321 -9.59 3.69 -4.30
C ASP A 321 -10.33 4.39 -5.44
N ILE A 322 -9.83 4.21 -6.65
CA ILE A 322 -10.51 4.63 -7.87
C ILE A 322 -10.72 3.40 -8.74
N SER A 323 -11.93 3.22 -9.25
CA SER A 323 -12.25 2.09 -10.10
C SER A 323 -13.23 2.55 -11.17
N THR A 324 -13.42 1.70 -12.18
CA THR A 324 -14.30 2.02 -13.29
C THR A 324 -15.43 1.00 -13.34
N ASP A 325 -16.66 1.52 -13.32
CA ASP A 325 -17.89 0.70 -13.36
C ASP A 325 -18.44 0.72 -14.79
N PRO A 326 -18.88 -0.43 -15.33
CA PRO A 326 -19.51 -0.48 -16.64
C PRO A 326 -20.67 0.51 -16.83
N HIS A 327 -21.61 0.47 -15.89
CA HIS A 327 -22.80 1.36 -15.95
C HIS A 327 -22.48 2.74 -15.35
N ALA A 328 -21.93 2.80 -14.15
CA ALA A 328 -21.81 4.11 -13.48
C ALA A 328 -20.66 5.00 -13.94
N GLY A 329 -19.59 4.46 -14.52
CA GLY A 329 -18.43 5.28 -14.86
C GLY A 329 -17.39 5.21 -13.74
N GLU A 330 -16.65 6.28 -13.47
CA GLU A 330 -15.60 6.14 -12.44
C GLU A 330 -16.24 6.22 -11.05
N VAL A 331 -15.75 5.34 -10.20
CA VAL A 331 -16.23 5.28 -8.83
C VAL A 331 -15.06 5.56 -7.89
N ALA A 332 -15.25 6.48 -6.96
CA ALA A 332 -14.28 6.75 -5.91
C ALA A 332 -14.76 6.11 -4.62
N THR A 333 -13.94 5.24 -4.06
CA THR A 333 -14.26 4.57 -2.81
C THR A 333 -13.40 5.17 -1.71
N GLY A 334 -13.97 5.27 -0.52
CA GLY A 334 -13.18 5.80 0.57
C GLY A 334 -13.88 5.68 1.90
N ARG A 335 -13.30 6.35 2.87
CA ARG A 335 -13.80 6.30 4.24
C ARG A 335 -14.31 7.69 4.59
N LEU A 336 -15.58 7.78 4.93
CA LEU A 336 -16.20 9.03 5.36
C LEU A 336 -16.01 9.19 6.87
N PHE A 337 -15.19 10.15 7.27
CA PHE A 337 -14.91 10.36 8.70
C PHE A 337 -15.86 11.35 9.37
N SER A 338 -16.34 12.36 8.64
CA SER A 338 -17.24 13.35 9.20
C SER A 338 -18.24 13.74 8.13
N GLY A 339 -19.44 14.10 8.56
CA GLY A 339 -20.44 14.64 7.66
C GLY A 339 -21.32 13.61 6.98
N THR A 340 -22.09 14.11 6.03
CA THR A 340 -23.07 13.35 5.28
C THR A 340 -22.91 13.67 3.80
N LEU A 341 -23.02 12.65 2.96
CA LEU A 341 -22.91 12.78 1.51
C LEU A 341 -24.26 12.42 0.89
N GLU A 342 -24.66 13.18 -0.13
N GLU A 342 -24.76 13.19 -0.15
CA GLU A 342 -25.85 12.85 -0.90
CA GLU A 342 -25.95 12.86 -0.92
C GLU A 342 -25.70 13.41 -2.30
C GLU A 342 -25.79 13.42 -2.32
N ARG A 343 -26.52 12.87 -3.24
CA ARG A 343 -26.49 13.35 -4.63
C ARG A 343 -26.67 14.88 -4.61
N GLY A 344 -25.83 15.57 -5.36
CA GLY A 344 -25.90 17.01 -5.52
C GLY A 344 -25.03 17.80 -4.56
N LYS A 345 -24.55 17.18 -3.49
CA LYS A 345 -23.68 17.88 -2.56
C LYS A 345 -22.34 18.14 -3.22
N GLU A 346 -21.77 19.29 -2.90
N GLU A 346 -21.77 19.30 -2.92
CA GLU A 346 -20.48 19.72 -3.50
CA GLU A 346 -20.50 19.75 -3.50
C GLU A 346 -19.36 19.63 -2.46
C GLU A 346 -19.37 19.61 -2.47
N VAL A 347 -18.22 19.12 -2.88
CA VAL A 347 -17.05 18.98 -2.01
C VAL A 347 -15.82 19.42 -2.80
N TYR A 348 -14.86 19.98 -2.08
CA TYR A 348 -13.55 20.28 -2.65
C TYR A 348 -12.67 19.06 -2.61
N ILE A 349 -11.81 18.93 -3.63
CA ILE A 349 -10.78 17.90 -3.68
C ILE A 349 -9.44 18.56 -3.38
N SER A 350 -8.68 17.97 -2.45
CA SER A 350 -7.41 18.53 -2.01
C SER A 350 -6.47 18.78 -3.18
N GLY A 351 -5.91 19.99 -3.22
CA GLY A 351 -5.05 20.43 -4.30
C GLY A 351 -5.73 20.93 -5.55
N MET A 352 -7.06 20.88 -5.63
CA MET A 352 -7.78 21.24 -6.84
C MET A 352 -8.70 22.44 -6.58
N PRO A 353 -8.89 23.31 -7.57
CA PRO A 353 -9.53 24.60 -7.28
C PRO A 353 -11.06 24.58 -7.16
N ASN A 354 -11.75 23.67 -7.86
CA ASN A 354 -13.20 23.87 -7.93
C ASN A 354 -14.01 22.76 -7.29
N PRO A 355 -15.17 23.09 -6.73
CA PRO A 355 -16.02 22.08 -6.11
C PRO A 355 -16.47 21.01 -7.10
N ASN A 356 -16.41 19.77 -6.64
CA ASN A 356 -16.87 18.63 -7.39
C ASN A 356 -18.24 18.25 -6.84
N ARG A 357 -19.13 17.81 -7.70
CA ARG A 357 -20.52 17.55 -7.35
C ARG A 357 -20.76 16.05 -7.33
N ILE A 358 -21.25 15.56 -6.20
CA ILE A 358 -21.63 14.16 -6.08
C ILE A 358 -22.83 13.85 -6.96
N GLN A 359 -22.74 12.76 -7.74
N GLN A 359 -22.80 12.70 -7.65
CA GLN A 359 -23.81 12.22 -8.57
CA GLN A 359 -23.90 12.25 -8.50
C GLN A 359 -24.59 11.13 -7.83
C GLN A 359 -24.64 11.04 -7.94
N GLN A 360 -23.91 10.07 -7.42
CA GLN A 360 -24.51 8.98 -6.66
C GLN A 360 -23.62 8.63 -5.48
N VAL A 361 -24.24 8.17 -4.40
CA VAL A 361 -23.52 7.62 -3.26
C VAL A 361 -24.03 6.22 -3.02
N GLY A 362 -23.13 5.36 -2.57
CA GLY A 362 -23.50 3.98 -2.37
C GLY A 362 -22.69 3.30 -1.30
N LEU A 363 -23.26 2.21 -0.81
N LEU A 363 -23.23 2.17 -0.85
CA LEU A 363 -22.58 1.42 0.20
CA LEU A 363 -22.55 1.31 0.13
C LEU A 363 -22.49 0.01 -0.33
C LEU A 363 -22.47 -0.05 -0.53
N PHE A 364 -21.60 -0.77 0.26
N PHE A 364 -21.26 -0.49 -0.91
CA PHE A 364 -21.56 -2.19 -0.05
CA PHE A 364 -21.01 -1.49 -1.93
C PHE A 364 -22.52 -2.92 0.89
C PHE A 364 -20.96 -2.93 -1.40
N MET A 365 -23.38 -3.75 0.31
N MET A 365 -21.07 -3.89 -2.33
CA MET A 365 -24.43 -4.44 1.03
CA MET A 365 -21.27 -5.30 -1.97
C MET A 365 -24.34 -5.89 0.57
C MET A 365 -20.84 -6.19 -3.15
N GLY A 366 -23.85 -6.76 1.45
N GLY A 366 -19.58 -6.59 -3.14
CA GLY A 366 -23.48 -8.09 1.05
CA GLY A 366 -19.04 -7.49 -4.14
C GLY A 366 -22.49 -8.01 -0.09
C GLY A 366 -18.95 -6.87 -5.52
N PRO A 367 -22.85 -8.62 -1.22
N PRO A 367 -19.33 -7.64 -6.54
CA PRO A 367 -21.94 -8.67 -2.34
CA PRO A 367 -19.24 -7.14 -7.92
C PRO A 367 -21.95 -7.42 -3.18
C PRO A 367 -20.23 -6.03 -8.22
N GLU A 368 -22.95 -6.56 -3.03
N GLU A 368 -21.28 -5.88 -7.42
CA GLU A 368 -23.30 -5.64 -4.09
CA GLU A 368 -22.19 -4.76 -7.59
C GLU A 368 -23.11 -4.21 -3.62
C GLU A 368 -21.85 -3.62 -6.66
N ARG A 369 -22.57 -3.37 -4.50
CA ARG A 369 -22.51 -1.93 -4.28
C ARG A 369 -23.85 -1.36 -4.70
N ILE A 370 -24.61 -0.87 -3.72
CA ILE A 370 -25.95 -0.36 -3.98
C ILE A 370 -26.03 1.15 -3.72
N GLU A 371 -26.72 1.87 -4.62
CA GLU A 371 -26.95 3.29 -4.42
C GLU A 371 -27.91 3.55 -3.28
N VAL A 372 -27.62 4.59 -2.49
CA VAL A 372 -28.51 5.04 -1.43
C VAL A 372 -28.74 6.55 -1.55
N ASP A 373 -29.69 7.05 -0.75
N ASP A 373 -29.70 7.05 -0.77
CA ASP A 373 -30.02 8.46 -0.79
CA ASP A 373 -30.01 8.47 -0.82
C ASP A 373 -28.92 9.30 -0.14
C ASP A 373 -28.93 9.29 -0.13
N ARG A 374 -28.35 8.83 0.96
N ARG A 374 -28.38 8.78 0.97
CA ARG A 374 -27.31 9.60 1.63
CA ARG A 374 -27.36 9.52 1.70
C ARG A 374 -26.51 8.66 2.51
C ARG A 374 -26.45 8.53 2.39
N ILE A 375 -25.23 8.97 2.65
CA ILE A 375 -24.34 8.21 3.52
C ILE A 375 -23.72 9.10 4.59
N THR A 376 -23.50 8.53 5.77
CA THR A 376 -23.06 9.28 6.95
C THR A 376 -21.70 8.79 7.44
N ALA A 377 -21.09 9.65 8.25
CA ALA A 377 -19.77 9.41 8.81
C ALA A 377 -19.69 8.05 9.49
N GLY A 378 -18.52 7.43 9.37
CA GLY A 378 -18.25 6.11 9.93
C GLY A 378 -18.27 4.97 8.94
N ASN A 379 -18.68 5.27 7.71
CA ASN A 379 -18.87 4.21 6.71
C ASN A 379 -17.80 4.22 5.64
N ILE A 380 -17.61 3.06 5.03
CA ILE A 380 -16.89 2.95 3.78
C ILE A 380 -17.90 3.19 2.66
N VAL A 381 -17.58 4.07 1.74
CA VAL A 381 -18.56 4.60 0.79
C VAL A 381 -18.00 4.54 -0.62
N ALA A 382 -18.91 4.53 -1.59
CA ALA A 382 -18.58 4.64 -3.00
C ALA A 382 -19.33 5.84 -3.57
N VAL A 383 -18.63 6.67 -4.32
N VAL A 383 -18.60 6.69 -4.26
CA VAL A 383 -19.19 7.95 -4.78
CA VAL A 383 -19.25 7.91 -4.79
C VAL A 383 -18.87 8.11 -6.25
C VAL A 383 -18.87 8.13 -6.26
N THR A 384 -19.85 8.57 -7.02
CA THR A 384 -19.59 8.99 -8.38
C THR A 384 -19.71 10.50 -8.49
N GLY A 385 -19.06 11.05 -9.51
CA GLY A 385 -19.13 12.47 -9.78
C GLY A 385 -17.89 13.25 -9.38
N LEU A 386 -16.99 12.68 -8.58
CA LEU A 386 -15.81 13.42 -8.13
C LEU A 386 -14.74 13.33 -9.21
N ALA A 387 -14.88 14.20 -10.22
CA ALA A 387 -14.05 14.11 -11.40
C ALA A 387 -12.57 14.33 -11.08
N ASP A 388 -12.28 15.13 -10.06
CA ASP A 388 -10.90 15.46 -9.73
C ASP A 388 -10.30 14.52 -8.69
N ALA A 389 -11.06 13.56 -8.16
CA ALA A 389 -10.55 12.71 -7.09
C ALA A 389 -9.47 11.76 -7.60
N ILE A 390 -8.44 11.54 -6.78
CA ILE A 390 -7.44 10.51 -7.03
C ILE A 390 -7.28 9.69 -5.76
N VAL A 391 -6.53 8.59 -5.85
CA VAL A 391 -6.21 7.83 -4.64
C VAL A 391 -5.47 8.74 -3.67
N GLY A 392 -5.92 8.80 -2.43
CA GLY A 392 -5.33 9.66 -1.43
C GLY A 392 -5.90 11.07 -1.33
N SER A 393 -6.84 11.45 -2.19
CA SER A 393 -7.48 12.76 -2.10
C SER A 393 -8.24 12.89 -0.79
N THR A 394 -8.27 14.12 -0.28
CA THR A 394 -9.21 14.51 0.76
C THR A 394 -10.36 15.26 0.08
N ALA A 395 -11.59 14.80 0.29
CA ALA A 395 -12.77 15.51 -0.20
C ALA A 395 -13.44 16.15 1.01
N SER A 396 -13.71 17.46 0.93
CA SER A 396 -14.14 18.17 2.13
C SER A 396 -15.12 19.27 1.78
N THR A 397 -15.96 19.61 2.76
CA THR A 397 -16.85 20.74 2.58
C THR A 397 -16.05 22.04 2.47
N ASP A 398 -15.03 22.20 3.32
CA ASP A 398 -14.22 23.41 3.35
C ASP A 398 -12.97 23.19 2.52
N LYS A 399 -12.75 24.06 1.54
CA LYS A 399 -11.55 23.98 0.73
C LYS A 399 -10.28 24.00 1.58
N ALA A 400 -10.29 24.73 2.70
CA ALA A 400 -9.09 24.93 3.50
C ALA A 400 -8.80 23.78 4.47
N MET A 401 -9.57 22.69 4.45
CA MET A 401 -9.29 21.61 5.38
C MET A 401 -7.88 21.07 5.18
N VAL A 402 -7.18 20.84 6.30
CA VAL A 402 -5.87 20.20 6.24
C VAL A 402 -6.05 18.83 5.61
N PRO A 403 -5.38 18.49 4.50
CA PRO A 403 -5.62 17.20 3.87
C PRO A 403 -5.03 16.06 4.69
N PHE A 404 -5.66 14.88 4.54
CA PHE A 404 -5.10 13.65 5.07
C PHE A 404 -3.76 13.35 4.41
N GLU A 405 -2.95 12.57 5.10
CA GLU A 405 -1.68 12.10 4.56
C GLU A 405 -1.89 11.24 3.32
N SER A 406 -0.89 11.28 2.44
CA SER A 406 -0.86 10.38 1.31
C SER A 406 -0.93 8.91 1.78
N ILE A 407 -1.38 8.06 0.87
CA ILE A 407 -1.33 6.62 1.02
C ILE A 407 -0.05 6.18 0.33
N ARG A 408 0.89 5.72 1.11
CA ARG A 408 2.19 5.31 0.56
C ARG A 408 2.43 3.80 0.71
N HIS A 409 2.73 3.17 -0.40
CA HIS A 409 3.00 1.72 -0.36
C HIS A 409 4.39 1.48 0.22
N VAL A 410 4.60 0.30 0.80
CA VAL A 410 5.88 -0.13 1.40
C VAL A 410 7.03 -0.04 0.40
N SER A 411 6.80 -0.32 -0.86
CA SER A 411 7.96 -0.17 -1.77
C SER A 411 7.52 0.43 -3.09
N GLU A 412 8.51 0.76 -3.90
CA GLU A 412 8.22 1.49 -5.14
C GLU A 412 8.52 0.62 -6.36
N PRO A 413 8.19 1.12 -7.56
CA PRO A 413 8.35 0.31 -8.78
C PRO A 413 9.81 0.04 -9.07
N VAL A 414 10.09 -1.21 -9.44
CA VAL A 414 11.44 -1.68 -9.67
C VAL A 414 11.59 -2.42 -10.99
N VAL A 415 10.49 -2.63 -11.72
N VAL A 415 10.50 -2.65 -11.71
CA VAL A 415 10.48 -3.35 -13.00
CA VAL A 415 10.55 -3.31 -13.01
C VAL A 415 9.70 -2.52 -14.02
C VAL A 415 9.75 -2.46 -14.00
N THR A 416 10.22 -2.40 -15.24
CA THR A 416 9.57 -1.58 -16.26
C THR A 416 9.60 -2.29 -17.61
N VAL A 417 8.53 -2.05 -18.39
CA VAL A 417 8.44 -2.50 -19.78
C VAL A 417 7.98 -1.33 -20.64
N ALA A 418 8.38 -1.35 -21.91
CA ALA A 418 7.80 -0.44 -22.88
C ALA A 418 6.51 -1.03 -23.41
N VAL A 419 5.51 -0.17 -23.58
CA VAL A 419 4.18 -0.60 -24.01
C VAL A 419 3.79 0.26 -25.21
N GLU A 420 3.29 -0.40 -26.27
CA GLU A 420 2.92 0.30 -27.50
C GLU A 420 1.68 -0.37 -28.08
N ALA A 421 0.80 0.45 -28.67
CA ALA A 421 -0.36 -0.07 -29.38
C ALA A 421 0.07 -0.83 -30.62
N LYS A 422 -0.58 -1.97 -30.85
CA LYS A 422 -0.29 -2.77 -32.06
C LYS A 422 -0.92 -2.06 -33.26
N HIS A 423 -1.92 -1.21 -33.05
CA HIS A 423 -2.68 -0.63 -34.15
C HIS A 423 -2.79 0.88 -34.00
N MET A 424 -2.49 1.60 -35.07
CA MET A 424 -2.43 3.07 -35.06
C MET A 424 -3.78 3.70 -34.72
N LYS A 425 -4.89 3.01 -34.96
CA LYS A 425 -6.20 3.61 -34.62
C LYS A 425 -6.39 3.65 -33.10
N ASP A 426 -5.67 2.84 -32.35
CA ASP A 426 -5.79 2.79 -30.87
C ASP A 426 -4.74 3.66 -30.19
N LEU A 427 -3.97 4.47 -30.91
CA LEU A 427 -2.93 5.28 -30.26
C LEU A 427 -3.49 6.22 -29.21
N PRO A 428 -4.47 7.08 -29.49
CA PRO A 428 -4.95 7.99 -28.43
C PRO A 428 -5.65 7.25 -27.31
N LYS A 429 -6.38 6.18 -27.64
CA LYS A 429 -7.05 5.42 -26.58
C LYS A 429 -6.06 4.79 -25.62
N LEU A 430 -4.92 4.32 -26.12
CA LEU A 430 -3.95 3.68 -25.23
C LEU A 430 -3.39 4.67 -24.22
N VAL A 431 -3.22 5.90 -24.66
CA VAL A 431 -2.74 6.95 -23.73
C VAL A 431 -3.77 7.15 -22.58
N GLU A 432 -5.05 7.20 -22.89
CA GLU A 432 -6.11 7.37 -21.86
C GLU A 432 -6.13 6.13 -20.97
N VAL A 433 -6.01 4.95 -21.56
CA VAL A 433 -6.04 3.67 -20.81
C VAL A 433 -4.87 3.56 -19.85
N LEU A 434 -3.65 3.93 -20.26
CA LEU A 434 -2.50 3.83 -19.37
C LEU A 434 -2.57 4.86 -18.24
N ARG A 435 -3.14 5.99 -18.55
CA ARG A 435 -3.25 7.03 -17.51
C ARG A 435 -4.27 6.54 -16.51
N GLN A 436 -5.33 5.94 -16.96
CA GLN A 436 -6.34 5.49 -16.01
C GLN A 436 -5.85 4.30 -15.18
N VAL A 437 -5.04 3.43 -15.77
CA VAL A 437 -4.47 2.30 -15.03
C VAL A 437 -3.62 2.78 -13.86
N ALA A 438 -2.77 3.78 -14.09
CA ALA A 438 -1.91 4.28 -13.01
C ALA A 438 -2.68 5.08 -11.97
N LYS A 439 -3.74 5.77 -12.39
CA LYS A 439 -4.61 6.44 -11.43
C LYS A 439 -5.27 5.43 -10.51
N GLU A 440 -5.73 4.30 -11.05
CA GLU A 440 -6.39 3.30 -10.25
C GLU A 440 -5.42 2.48 -9.41
N ASP A 441 -4.15 2.40 -9.79
CA ASP A 441 -3.14 1.71 -8.98
C ASP A 441 -1.85 2.51 -9.00
N PRO A 442 -1.68 3.43 -8.05
CA PRO A 442 -0.48 4.28 -8.02
C PRO A 442 0.81 3.56 -7.63
N THR A 443 0.80 2.25 -7.42
CA THR A 443 2.06 1.53 -7.39
C THR A 443 2.58 1.22 -8.80
N LEU A 444 1.82 1.57 -9.82
CA LEU A 444 2.30 1.61 -11.19
C LEU A 444 2.71 3.04 -11.51
N LYS A 445 3.71 3.18 -12.38
N LYS A 445 3.70 3.18 -12.37
CA LYS A 445 4.14 4.52 -12.86
CA LYS A 445 4.11 4.53 -12.85
C LYS A 445 4.15 4.48 -14.40
C LYS A 445 4.13 4.47 -14.37
N VAL A 446 3.39 5.36 -15.04
CA VAL A 446 3.25 5.40 -16.49
C VAL A 446 3.99 6.62 -17.00
N THR A 447 4.77 6.45 -18.06
CA THR A 447 5.41 7.55 -18.78
C THR A 447 4.88 7.53 -20.20
N ILE A 448 4.02 8.48 -20.53
CA ILE A 448 3.48 8.62 -21.87
C ILE A 448 4.51 9.32 -22.74
N ASN A 449 4.60 8.87 -23.99
N ASN A 449 4.74 8.74 -23.91
CA ASN A 449 5.35 9.57 -25.09
CA ASN A 449 5.67 9.35 -24.91
C ASN A 449 4.39 9.69 -26.27
C ASN A 449 4.81 9.87 -26.05
N GLN A 450 3.69 10.79 -26.46
N GLN A 450 4.83 11.21 -26.14
CA GLN A 450 2.73 10.88 -27.62
CA GLN A 450 4.19 12.07 -27.18
C GLN A 450 3.46 11.14 -28.97
C GLN A 450 4.99 11.93 -28.49
N GLU A 451 4.78 11.41 -28.95
N GLU A 451 6.32 11.73 -28.35
CA GLU A 451 5.74 11.68 -30.04
CA GLU A 451 7.31 11.71 -29.45
C GLU A 451 6.47 10.44 -30.59
C GLU A 451 7.32 10.40 -30.24
N THR A 452 6.34 9.29 -29.97
N THR A 452 6.68 9.32 -29.76
CA THR A 452 6.90 8.02 -30.48
CA THR A 452 6.89 8.04 -30.49
C THR A 452 5.88 6.93 -30.19
C THR A 452 5.77 7.02 -30.27
N GLY A 453 5.08 7.15 -29.14
CA GLY A 453 4.05 6.16 -28.77
C GLY A 453 4.64 5.05 -27.97
N GLU A 454 5.94 5.09 -27.69
CA GLU A 454 6.54 4.01 -26.91
C GLU A 454 6.45 4.43 -25.45
N HIS A 455 5.36 4.06 -24.82
CA HIS A 455 5.14 4.43 -23.44
C HIS A 455 5.89 3.46 -22.51
N LEU A 456 6.11 3.91 -21.28
CA LEU A 456 6.78 3.11 -20.27
C LEU A 456 5.83 2.82 -19.12
N LEU A 457 5.83 1.57 -18.68
CA LEU A 457 4.99 1.15 -17.57
C LEU A 457 5.88 0.48 -16.55
N ALA A 458 5.97 1.06 -15.35
CA ALA A 458 6.78 0.50 -14.28
C ALA A 458 5.88 -0.02 -13.18
N GLY A 459 6.28 -1.14 -12.57
CA GLY A 459 5.51 -1.68 -11.48
C GLY A 459 6.33 -2.46 -10.49
N MET A 460 5.64 -3.21 -9.65
CA MET A 460 6.30 -3.92 -8.55
C MET A 460 6.98 -5.22 -8.97
N GLY A 461 6.56 -5.80 -10.09
CA GLY A 461 7.09 -7.09 -10.48
C GLY A 461 6.49 -7.49 -11.81
N GLU A 462 6.95 -8.65 -12.30
CA GLU A 462 6.50 -9.13 -13.60
C GLU A 462 5.01 -9.47 -13.61
N LEU A 463 4.50 -10.08 -12.54
CA LEU A 463 3.08 -10.41 -12.49
C LEU A 463 2.22 -9.15 -12.49
N HIS A 464 2.63 -8.14 -11.72
CA HIS A 464 1.96 -6.84 -11.72
C HIS A 464 1.72 -6.37 -13.15
N LEU A 465 2.79 -6.37 -13.96
CA LEU A 465 2.71 -5.81 -15.30
C LEU A 465 2.00 -6.77 -16.26
N GLU A 466 2.15 -8.09 -16.05
N GLU A 466 2.05 -8.07 -16.07
CA GLU A 466 1.44 -9.06 -16.87
CA GLU A 466 1.34 -9.05 -16.89
C GLU A 466 -0.08 -8.91 -16.73
C GLU A 466 -0.18 -8.90 -16.74
N ILE A 467 -0.56 -8.72 -15.50
CA ILE A 467 -1.99 -8.56 -15.29
C ILE A 467 -2.49 -7.26 -15.92
N VAL A 468 -1.74 -6.16 -15.74
CA VAL A 468 -2.13 -4.88 -16.34
C VAL A 468 -2.28 -5.03 -17.86
N ALA A 469 -1.28 -5.65 -18.50
CA ALA A 469 -1.34 -5.82 -19.94
C ALA A 469 -2.51 -6.69 -20.36
N HIS A 470 -2.75 -7.79 -19.64
CA HIS A 470 -3.88 -8.64 -19.97
C HIS A 470 -5.19 -7.88 -19.91
N ARG A 471 -5.41 -7.11 -18.84
CA ARG A 471 -6.69 -6.44 -18.70
C ARG A 471 -6.86 -5.26 -19.64
N ILE A 472 -5.77 -4.64 -20.12
CA ILE A 472 -5.89 -3.65 -21.18
C ILE A 472 -6.47 -4.29 -22.43
N GLN A 473 -5.96 -5.46 -22.79
CA GLN A 473 -6.46 -6.13 -23.99
C GLN A 473 -7.87 -6.65 -23.79
N ARG A 474 -8.18 -7.14 -22.59
CA ARG A 474 -9.46 -7.80 -22.36
C ARG A 474 -10.57 -6.78 -22.11
N ASP A 475 -10.31 -5.79 -21.27
CA ASP A 475 -11.35 -4.86 -20.84
C ASP A 475 -11.38 -3.59 -21.69
N LYS A 476 -10.24 -3.12 -22.17
CA LYS A 476 -10.19 -1.89 -22.95
C LYS A 476 -10.08 -2.15 -24.46
N HIS A 477 -9.88 -3.40 -24.86
CA HIS A 477 -9.94 -3.80 -26.27
C HIS A 477 -8.85 -3.13 -27.10
N VAL A 478 -7.70 -2.88 -26.49
CA VAL A 478 -6.52 -2.37 -27.17
C VAL A 478 -5.44 -3.44 -27.14
N GLU A 479 -5.06 -3.92 -28.32
CA GLU A 479 -3.97 -4.88 -28.44
C GLU A 479 -2.63 -4.16 -28.31
N ILE A 480 -1.73 -4.71 -27.51
CA ILE A 480 -0.48 -4.03 -27.18
C ILE A 480 0.67 -5.01 -27.29
N THR A 481 1.87 -4.45 -27.46
CA THR A 481 3.11 -5.18 -27.27
C THR A 481 3.76 -4.67 -26.00
N THR A 482 4.50 -5.54 -25.32
CA THR A 482 5.32 -5.16 -24.18
C THR A 482 6.73 -5.70 -24.37
N SER A 483 7.72 -4.89 -24.01
CA SER A 483 9.11 -5.31 -24.11
C SER A 483 9.48 -6.23 -22.95
N LYS A 484 10.67 -6.75 -23.01
CA LYS A 484 11.18 -7.61 -21.93
C LYS A 484 11.32 -6.71 -20.71
N PRO A 485 11.09 -7.25 -19.51
CA PRO A 485 11.21 -6.43 -18.30
C PRO A 485 12.66 -6.07 -18.00
N LEU A 486 12.85 -4.85 -17.50
CA LEU A 486 14.14 -4.37 -17.04
C LEU A 486 13.93 -3.64 -15.72
N VAL A 487 15.01 -3.47 -14.97
CA VAL A 487 14.87 -2.84 -13.67
C VAL A 487 14.87 -1.33 -13.79
N VAL A 488 14.30 -0.69 -12.77
CA VAL A 488 14.37 0.75 -12.59
C VAL A 488 15.41 1.03 -11.52
N TYR A 489 16.40 1.84 -11.84
CA TYR A 489 17.45 2.19 -10.88
C TYR A 489 17.06 3.47 -10.13
N ARG A 490 17.93 3.83 -9.21
CA ARG A 490 17.78 5.14 -8.53
C ARG A 490 19.14 5.86 -8.57
N GLU A 491 19.04 7.20 -8.65
CA GLU A 491 20.27 8.04 -8.61
C GLU A 491 20.42 8.65 -7.23
N THR A 492 21.64 8.72 -6.77
CA THR A 492 21.92 9.36 -5.49
C THR A 492 23.30 10.01 -5.58
N VAL A 493 23.74 10.57 -4.47
CA VAL A 493 25.08 11.11 -4.35
C VAL A 493 25.81 10.32 -3.27
N SER A 494 27.14 10.45 -3.25
CA SER A 494 27.95 9.73 -2.28
C SER A 494 28.96 10.62 -1.57
N ALA A 495 28.83 11.94 -1.69
CA ALA A 495 29.74 12.86 -1.04
C ALA A 495 29.04 14.20 -0.85
N HIS A 496 29.74 15.13 -0.23
CA HIS A 496 29.27 16.50 -0.10
C HIS A 496 29.87 17.35 -1.22
N ALA A 497 29.06 18.25 -1.75
CA ALA A 497 29.53 19.22 -2.73
C ALA A 497 28.80 20.53 -2.51
N GLY A 498 29.44 21.62 -2.94
CA GLY A 498 28.83 22.91 -2.85
C GLY A 498 29.59 23.85 -1.93
N PRO A 499 29.18 25.14 -1.89
CA PRO A 499 28.01 25.67 -2.62
C PRO A 499 28.20 25.79 -4.14
N VAL A 500 27.14 25.44 -4.88
CA VAL A 500 27.08 25.51 -6.32
C VAL A 500 26.03 26.56 -6.69
N GLU A 501 26.37 27.41 -7.63
CA GLU A 501 25.47 28.50 -8.03
C GLU A 501 24.65 28.16 -9.27
N GLY A 502 23.35 28.25 -9.13
CA GLY A 502 22.44 28.23 -10.28
C GLY A 502 21.97 29.65 -10.56
N LYS A 503 21.81 29.96 -11.85
CA LYS A 503 21.40 31.29 -12.29
C LYS A 503 20.14 31.22 -13.14
N SER A 504 19.26 32.20 -12.97
CA SER A 504 18.10 32.29 -13.83
C SER A 504 18.53 32.71 -15.23
N PRO A 505 17.72 32.39 -16.24
CA PRO A 505 18.09 32.79 -17.61
C PRO A 505 18.34 34.29 -17.77
N ASN A 506 17.63 35.13 -17.03
CA ASN A 506 17.87 36.57 -17.11
C ASN A 506 19.02 37.03 -16.23
N ARG A 507 19.68 36.11 -15.52
CA ARG A 507 20.83 36.34 -14.65
C ARG A 507 20.51 37.11 -13.38
N HIS A 508 19.26 37.53 -13.18
CA HIS A 508 18.93 38.36 -12.02
C HIS A 508 18.90 37.57 -10.72
N ASN A 509 18.61 36.27 -10.78
CA ASN A 509 18.40 35.47 -9.57
C ASN A 509 19.44 34.38 -9.49
N ARG A 510 20.01 34.18 -8.30
CA ARG A 510 21.04 33.19 -8.07
C ARG A 510 20.68 32.35 -6.84
N PHE A 511 21.03 31.07 -6.89
CA PHE A 511 20.79 30.17 -5.77
C PHE A 511 22.04 29.35 -5.52
N TYR A 512 22.43 29.24 -4.25
CA TYR A 512 23.68 28.60 -3.84
C TYR A 512 23.34 27.36 -3.03
N ILE A 513 23.66 26.20 -3.60
CA ILE A 513 23.17 24.90 -3.14
C ILE A 513 24.35 24.05 -2.68
N GLU A 514 24.22 23.45 -1.51
CA GLU A 514 25.06 22.33 -1.09
C GLU A 514 24.22 21.06 -1.08
N ILE A 515 24.92 19.96 -1.25
CA ILE A 515 24.22 18.64 -1.32
C ILE A 515 25.09 17.57 -0.69
N GLU A 516 24.42 16.63 -0.04
CA GLU A 516 25.07 15.47 0.59
C GLU A 516 24.00 14.38 0.77
N PRO A 517 24.40 13.12 0.97
CA PRO A 517 23.43 12.07 1.22
C PRO A 517 22.76 12.21 2.59
N LEU A 518 21.52 11.81 2.65
CA LEU A 518 20.82 11.75 3.93
C LEU A 518 21.45 10.68 4.81
N GLN A 519 21.47 10.94 6.12
CA GLN A 519 21.82 9.90 7.08
C GLN A 519 20.76 8.81 7.07
N PRO A 520 21.15 7.57 7.38
CA PRO A 520 20.17 6.47 7.33
C PRO A 520 18.95 6.69 8.21
N ALA A 521 19.15 7.13 9.45
CA ALA A 521 18.02 7.36 10.34
C ALA A 521 17.10 8.45 9.83
N ILE A 522 17.65 9.47 9.15
CA ILE A 522 16.81 10.52 8.59
C ILE A 522 16.04 9.99 7.38
N PHE A 523 16.71 9.21 6.54
CA PHE A 523 16.04 8.62 5.38
C PHE A 523 14.88 7.72 5.82
N GLU A 524 15.06 6.98 6.92
CA GLU A 524 13.98 6.13 7.42
C GLU A 524 12.77 6.96 7.85
N LEU A 525 13.01 8.06 8.55
CA LEU A 525 11.92 8.96 8.92
C LEU A 525 11.17 9.45 7.68
N VAL A 526 11.92 9.85 6.66
CA VAL A 526 11.31 10.34 5.43
C VAL A 526 10.56 9.21 4.74
N ARG A 527 11.18 8.03 4.67
CA ARG A 527 10.58 6.90 3.98
C ARG A 527 9.32 6.44 4.71
N ASN A 528 9.33 6.48 6.04
CA ASN A 528 8.19 6.05 6.84
C ASN A 528 7.16 7.15 7.06
N GLY A 529 7.38 8.35 6.53
CA GLY A 529 6.45 9.44 6.77
C GLY A 529 6.34 9.83 8.23
N GLU A 530 7.37 9.62 9.02
CA GLU A 530 7.32 10.00 10.44
C GLU A 530 7.50 11.50 10.61
N ILE A 531 8.05 12.19 9.60
CA ILE A 531 8.15 13.65 9.63
C ILE A 531 7.34 14.22 8.48
N SER A 532 6.86 15.44 8.69
CA SER A 532 6.01 16.11 7.70
C SER A 532 6.11 17.61 7.93
N MET A 533 6.09 18.37 6.84
CA MET A 533 6.02 19.82 6.98
C MET A 533 4.69 20.28 7.56
N LYS A 534 3.71 19.39 7.69
CA LYS A 534 2.45 19.72 8.35
C LYS A 534 2.55 19.64 9.87
N GLN A 535 3.60 19.05 10.37
CA GLN A 535 3.68 18.92 11.83
C GLN A 535 4.12 20.25 12.41
N GLN A 536 3.79 20.50 13.68
CA GLN A 536 4.31 21.65 14.39
C GLN A 536 5.84 21.63 14.35
N GLU A 537 6.39 22.79 14.06
CA GLU A 537 7.83 22.85 13.92
C GLU A 537 8.53 22.20 15.11
N VAL A 538 7.98 22.32 16.31
CA VAL A 538 8.65 21.78 17.52
C VAL A 538 8.63 20.26 17.45
N GLU A 539 7.46 19.75 17.11
CA GLU A 539 7.22 18.30 17.01
C GLU A 539 8.17 17.71 15.95
N ARG A 540 8.29 18.36 14.79
CA ARG A 540 9.14 17.81 13.73
C ARG A 540 10.62 17.91 14.11
N ARG A 541 11.00 19.07 14.66
CA ARG A 541 12.45 19.26 14.91
C ARG A 541 12.92 18.32 16.00
N ASP A 542 12.06 18.02 16.97
CA ASP A 542 12.52 17.09 18.03
C ASP A 542 12.75 15.70 17.44
N ILE A 543 11.89 15.26 16.52
CA ILE A 543 12.09 13.96 15.88
C ILE A 543 13.41 13.92 15.13
N LEU A 544 13.73 14.98 14.40
CA LEU A 544 14.94 15.00 13.57
C LEU A 544 16.21 15.02 14.44
N MET A 545 16.18 15.80 15.50
CA MET A 545 17.38 15.95 16.33
C MET A 545 17.65 14.66 17.10
N LYS A 546 16.60 14.01 17.54
CA LYS A 546 16.73 12.71 18.20
C LYS A 546 17.26 11.65 17.25
N ALA A 547 17.17 11.88 15.94
CA ALA A 547 17.70 10.97 14.94
C ALA A 547 19.10 11.34 14.48
N GLY A 548 19.67 12.43 14.98
CA GLY A 548 21.05 12.80 14.71
C GLY A 548 21.25 14.07 13.92
N MET A 549 20.19 14.69 13.40
CA MET A 549 20.35 15.91 12.61
C MET A 549 20.67 17.09 13.52
N SER A 550 21.56 17.95 13.06
CA SER A 550 21.91 19.15 13.81
C SER A 550 20.69 20.04 14.01
N LYS A 551 20.71 20.91 15.02
CA LYS A 551 19.52 21.78 15.28
C LYS A 551 19.34 22.85 14.18
N GLU A 552 20.40 23.32 13.52
CA GLU A 552 20.15 24.33 12.49
C GLU A 552 19.53 23.63 11.26
N GLU A 553 20.01 22.45 10.87
CA GLU A 553 19.40 21.77 9.74
C GLU A 553 17.97 21.35 10.06
N ALA A 554 17.71 20.91 11.27
CA ALA A 554 16.35 20.53 11.66
C ALA A 554 15.40 21.72 11.60
N LYS A 555 15.83 22.86 12.12
CA LYS A 555 14.99 24.07 12.08
C LYS A 555 14.84 24.56 10.63
N GLY A 556 15.84 24.36 9.80
CA GLY A 556 15.81 24.86 8.41
C GLY A 556 15.10 23.97 7.40
N ILE A 557 14.70 22.77 7.80
CA ILE A 557 14.01 21.89 6.82
C ILE A 557 12.75 22.60 6.32
N THR A 558 12.58 22.62 5.00
CA THR A 558 11.41 23.28 4.42
C THR A 558 10.62 22.40 3.47
N HIS A 559 11.17 21.29 3.00
CA HIS A 559 10.43 20.45 2.07
C HIS A 559 10.83 19.01 2.30
N ILE A 560 9.84 18.18 2.54
CA ILE A 560 10.06 16.75 2.75
C ILE A 560 9.35 16.06 1.60
N SER A 561 10.12 15.61 0.62
CA SER A 561 9.57 14.84 -0.48
C SER A 561 9.49 13.38 -0.07
N GLU A 562 9.10 12.52 -0.99
CA GLU A 562 8.97 11.10 -0.62
C GLU A 562 10.31 10.47 -0.25
N ASN A 563 11.44 10.86 -0.83
CA ASN A 563 12.72 10.21 -0.56
C ASN A 563 13.88 11.19 -0.38
N ASN A 564 13.59 12.48 -0.29
CA ASN A 564 14.62 13.51 -0.31
C ASN A 564 14.11 14.68 0.51
N ILE A 565 15.03 15.51 0.99
CA ILE A 565 14.65 16.70 1.74
C ILE A 565 15.39 17.92 1.21
N PHE A 566 14.78 19.08 1.44
CA PHE A 566 15.36 20.38 1.11
C PHE A 566 15.38 21.23 2.37
N ILE A 567 16.53 21.84 2.65
CA ILE A 567 16.73 22.63 3.85
C ILE A 567 17.12 24.04 3.45
N ASP A 568 16.50 25.03 4.10
CA ASP A 568 16.79 26.44 3.86
C ASP A 568 17.67 26.92 5.00
N MET A 569 18.92 27.19 4.70
CA MET A 569 19.83 27.68 5.75
C MET A 569 19.93 29.22 5.78
N THR A 570 19.21 29.89 4.90
CA THR A 570 19.36 31.36 4.80
C THR A 570 18.51 32.06 5.86
N LYS A 571 18.74 33.36 6.02
CA LYS A 571 17.99 34.25 6.93
C LYS A 571 17.89 35.64 6.31
N GLY A 572 16.72 36.25 6.36
CA GLY A 572 16.59 37.66 5.98
C GLY A 572 16.60 37.94 4.51
N ILE A 573 16.55 36.93 3.66
CA ILE A 573 16.53 37.22 2.22
C ILE A 573 15.11 37.59 1.82
N GLN A 574 14.89 38.88 1.54
CA GLN A 574 13.57 39.35 1.17
C GLN A 574 13.11 38.68 -0.11
N TYR A 575 11.81 38.36 -0.17
CA TYR A 575 11.12 37.69 -1.28
C TYR A 575 11.44 36.20 -1.40
N LEU A 576 12.24 35.63 -0.49
CA LEU A 576 12.58 34.22 -0.63
C LEU A 576 11.42 33.31 -0.26
N ASN A 577 10.64 33.68 0.76
CA ASN A 577 9.50 32.85 1.15
C ASN A 577 8.49 32.70 0.03
N GLU A 578 8.17 33.79 -0.67
CA GLU A 578 7.25 33.68 -1.79
C GLU A 578 7.89 33.00 -2.99
N THR A 579 9.21 33.00 -3.08
CA THR A 579 9.94 32.34 -4.16
C THR A 579 10.24 30.87 -3.86
N MET A 580 10.19 30.45 -2.59
CA MET A 580 10.63 29.11 -2.23
C MET A 580 9.83 28.02 -2.95
N GLU A 581 8.55 28.22 -3.21
CA GLU A 581 7.73 27.21 -3.92
C GLU A 581 8.30 26.96 -5.31
N LEU A 582 8.85 27.98 -5.96
CA LEU A 582 9.44 27.78 -7.29
C LEU A 582 10.77 27.05 -7.16
N VAL A 583 11.56 27.38 -6.16
CA VAL A 583 12.79 26.64 -5.93
C VAL A 583 12.50 25.16 -5.70
N LEU A 584 11.47 24.87 -4.92
CA LEU A 584 11.11 23.49 -4.65
C LEU A 584 10.54 22.79 -5.89
N GLU A 585 9.91 23.53 -6.81
CA GLU A 585 9.48 22.91 -8.07
C GLU A 585 10.69 22.45 -8.88
N GLY A 586 11.74 23.27 -8.92
CA GLY A 586 12.97 22.83 -9.56
C GLY A 586 13.54 21.58 -8.90
N PHE A 587 13.47 21.53 -7.56
CA PHE A 587 13.92 20.36 -6.82
C PHE A 587 13.13 19.13 -7.21
N GLU A 588 11.79 19.24 -7.21
CA GLU A 588 10.94 18.12 -7.60
C GLU A 588 11.19 17.68 -9.05
N GLU A 589 11.51 18.62 -9.95
CA GLU A 589 11.81 18.23 -11.33
C GLU A 589 13.04 17.32 -11.40
N VAL A 590 14.08 17.65 -10.62
CA VAL A 590 15.27 16.80 -10.59
C VAL A 590 14.95 15.44 -9.98
N ILE A 591 14.12 15.43 -8.96
CA ILE A 591 13.83 14.14 -8.24
C ILE A 591 13.15 13.13 -9.17
N LYS A 592 12.37 13.60 -10.13
N LYS A 592 12.39 13.61 -10.15
CA LYS A 592 11.69 12.74 -11.15
CA LYS A 592 11.68 12.73 -11.12
C LYS A 592 12.70 12.07 -12.07
C LYS A 592 12.67 12.09 -12.10
N GLY A 593 13.85 12.67 -12.26
CA GLY A 593 14.86 12.07 -13.14
C GLY A 593 16.18 12.78 -12.97
N GLY A 594 17.14 12.12 -12.39
CA GLY A 594 18.42 12.73 -12.09
C GLY A 594 19.29 12.95 -13.31
N PRO A 595 20.41 13.64 -13.11
CA PRO A 595 21.24 14.03 -14.26
C PRO A 595 22.10 12.91 -14.83
N LEU A 596 22.35 11.83 -14.08
CA LEU A 596 23.15 10.74 -14.64
C LEU A 596 22.42 10.04 -15.77
N SER A 597 21.16 9.68 -15.54
CA SER A 597 20.45 8.81 -16.48
C SER A 597 18.95 9.03 -16.49
N ARG A 598 18.44 10.12 -15.90
CA ARG A 598 17.01 10.41 -15.80
C ARG A 598 16.24 9.38 -14.97
N GLU A 599 16.93 8.65 -14.08
CA GLU A 599 16.29 7.73 -13.15
C GLU A 599 15.86 8.48 -11.89
N PRO A 600 14.84 8.01 -11.18
CA PRO A 600 14.38 8.75 -10.00
C PRO A 600 15.48 8.86 -8.94
N VAL A 601 15.48 9.98 -8.24
CA VAL A 601 16.52 10.33 -7.28
C VAL A 601 16.05 9.99 -5.88
N MET A 602 16.95 9.48 -5.04
CA MET A 602 16.62 9.21 -3.65
C MET A 602 17.82 9.52 -2.76
N GLY A 603 17.54 9.80 -1.49
CA GLY A 603 18.58 9.93 -0.49
C GLY A 603 19.29 11.26 -0.44
N LEU A 604 18.71 12.32 -1.00
CA LEU A 604 19.36 13.62 -1.05
C LEU A 604 18.97 14.50 0.13
N LYS A 605 19.98 15.18 0.68
CA LYS A 605 19.78 16.35 1.54
C LYS A 605 20.32 17.55 0.77
N VAL A 606 19.42 18.41 0.31
CA VAL A 606 19.78 19.60 -0.45
C VAL A 606 19.63 20.81 0.46
N LYS A 607 20.65 21.66 0.49
CA LYS A 607 20.71 22.80 1.39
C LYS A 607 20.90 24.08 0.60
N LEU A 608 19.97 25.02 0.76
CA LEU A 608 20.10 26.35 0.19
C LEU A 608 20.90 27.21 1.16
N MET A 609 22.11 27.59 0.75
CA MET A 609 23.00 28.34 1.64
C MET A 609 22.90 29.84 1.47
N ASP A 610 22.57 30.30 0.26
CA ASP A 610 22.48 31.72 -0.03
C ASP A 610 21.60 31.87 -1.26
N ALA A 611 21.14 33.09 -1.49
CA ALA A 611 20.32 33.39 -2.66
C ALA A 611 20.39 34.89 -2.92
N LYS A 612 20.14 35.24 -4.18
CA LYS A 612 20.00 36.63 -4.60
C LYS A 612 18.78 36.69 -5.51
N LEU A 613 17.86 37.60 -5.20
CA LEU A 613 16.61 37.72 -5.92
C LEU A 613 16.41 39.15 -6.40
N HIS A 614 15.91 39.31 -7.63
CA HIS A 614 15.50 40.61 -8.10
C HIS A 614 14.27 41.09 -7.33
N GLU A 615 14.21 42.39 -7.04
N GLU A 615 14.22 42.38 -7.01
CA GLU A 615 13.12 42.87 -6.21
CA GLU A 615 13.10 42.93 -6.20
C GLU A 615 11.77 42.83 -6.92
C GLU A 615 11.76 42.87 -6.94
N ASP A 616 11.77 42.91 -8.26
CA ASP A 616 10.51 42.94 -9.00
C ASP A 616 10.11 41.53 -9.40
N SER A 617 8.87 41.16 -9.05
CA SER A 617 8.39 39.80 -9.31
C SER A 617 8.44 39.45 -10.80
N ILE A 618 8.31 40.43 -11.69
CA ILE A 618 8.35 40.17 -13.16
C ILE A 618 9.68 39.58 -13.63
N ASN A 619 10.68 39.66 -12.80
CA ASN A 619 11.99 39.06 -13.17
C ASN A 619 12.28 37.74 -12.40
N ARG A 620 11.35 37.28 -11.55
CA ARG A 620 11.62 36.08 -10.75
C ARG A 620 10.42 35.14 -10.74
N GLY A 621 9.72 35.02 -11.87
CA GLY A 621 8.65 34.06 -11.99
C GLY A 621 9.15 32.65 -12.22
N PRO A 622 8.21 31.73 -12.37
CA PRO A 622 8.55 30.29 -12.55
C PRO A 622 9.58 30.01 -13.65
N ALA A 623 9.40 30.53 -14.85
CA ALA A 623 10.35 30.28 -15.96
C ALA A 623 11.75 30.88 -15.67
N GLN A 624 11.92 31.74 -14.68
CA GLN A 624 13.26 32.18 -14.27
C GLN A 624 13.82 31.38 -13.11
N VAL A 625 13.01 31.10 -12.09
CA VAL A 625 13.52 30.49 -10.86
C VAL A 625 13.63 28.97 -10.99
N ILE A 626 12.65 28.32 -11.61
CA ILE A 626 12.69 26.86 -11.72
C ILE A 626 13.95 26.37 -12.41
N PRO A 627 14.35 26.89 -13.58
CA PRO A 627 15.62 26.43 -14.18
C PRO A 627 16.83 26.70 -13.31
N ALA A 628 16.86 27.83 -12.62
CA ALA A 628 18.02 28.15 -11.78
C ALA A 628 18.17 27.12 -10.66
N SER A 629 17.07 26.78 -10.01
CA SER A 629 17.11 25.79 -8.94
C SER A 629 17.47 24.41 -9.49
N ARG A 630 16.81 24.02 -10.58
CA ARG A 630 17.04 22.72 -11.20
C ARG A 630 18.51 22.55 -11.61
N GLN A 631 19.09 23.56 -12.28
N GLN A 631 19.08 23.57 -12.26
CA GLN A 631 20.46 23.41 -12.76
CA GLN A 631 20.45 23.44 -12.78
C GLN A 631 21.46 23.35 -11.61
C GLN A 631 21.49 23.43 -11.66
N ALA A 632 21.25 24.17 -10.58
CA ALA A 632 22.17 24.14 -9.44
C ALA A 632 22.18 22.76 -8.78
N ILE A 633 20.99 22.14 -8.67
CA ILE A 633 20.90 20.83 -8.03
C ILE A 633 21.50 19.75 -8.91
N GLN A 634 21.28 19.83 -10.20
CA GLN A 634 21.83 18.88 -11.18
C GLN A 634 23.36 18.91 -11.15
N ALA A 635 23.92 20.12 -11.24
CA ALA A 635 25.38 20.24 -11.22
C ALA A 635 25.96 19.80 -9.88
N ALA A 636 25.29 20.16 -8.77
CA ALA A 636 25.77 19.75 -7.46
C ALA A 636 25.78 18.23 -7.31
N MET A 637 24.74 17.56 -7.84
CA MET A 637 24.72 16.10 -7.82
C MET A 637 25.93 15.52 -8.54
N LEU A 638 26.25 16.05 -9.73
CA LEU A 638 27.38 15.52 -10.47
C LEU A 638 28.71 15.83 -9.80
N MET A 639 28.76 16.87 -8.97
CA MET A 639 29.97 17.18 -8.21
C MET A 639 30.06 16.36 -6.92
N ALA A 640 28.97 15.72 -6.50
CA ALA A 640 28.90 15.05 -5.21
C ALA A 640 29.00 13.53 -5.33
N GLY A 641 29.74 13.04 -6.31
CA GLY A 641 29.88 11.61 -6.53
C GLY A 641 28.56 10.94 -6.88
N ALA A 642 27.88 11.46 -7.91
CA ALA A 642 26.63 10.85 -8.33
C ALA A 642 26.86 9.41 -8.74
N THR A 643 25.89 8.56 -8.43
CA THR A 643 26.03 7.14 -8.71
C THR A 643 24.63 6.53 -8.78
N LEU A 644 24.58 5.27 -9.18
CA LEU A 644 23.33 4.54 -9.32
C LEU A 644 23.17 3.54 -8.19
N LEU A 645 21.92 3.33 -7.81
CA LEU A 645 21.53 2.26 -6.90
C LEU A 645 20.66 1.28 -7.67
N GLU A 646 20.81 0.00 -7.37
CA GLU A 646 19.96 -0.99 -8.00
C GLU A 646 19.11 -1.67 -6.95
N PRO A 647 17.87 -2.03 -7.29
CA PRO A 647 16.97 -2.64 -6.30
C PRO A 647 17.34 -4.09 -6.02
N PHE A 648 17.18 -4.48 -4.75
CA PHE A 648 17.38 -5.85 -4.30
C PHE A 648 16.10 -6.39 -3.69
N GLN A 649 15.88 -7.67 -3.88
CA GLN A 649 14.77 -8.38 -3.23
C GLN A 649 15.35 -9.33 -2.18
N LYS A 650 14.65 -9.45 -1.06
CA LYS A 650 14.90 -10.55 -0.14
C LYS A 650 14.09 -11.74 -0.65
N VAL A 651 14.73 -12.91 -0.69
CA VAL A 651 14.11 -14.13 -1.19
C VAL A 651 14.11 -15.14 -0.06
N PHE A 652 12.95 -15.75 0.20
CA PHE A 652 12.80 -16.77 1.23
C PHE A 652 12.50 -18.08 0.54
N ILE A 653 13.36 -19.07 0.71
CA ILE A 653 13.22 -20.34 -0.01
C ILE A 653 13.11 -21.45 1.03
N HIS A 654 11.97 -22.12 1.07
N HIS A 654 11.94 -22.08 1.07
CA HIS A 654 11.75 -23.23 1.96
CA HIS A 654 11.66 -23.24 1.97
C HIS A 654 11.89 -24.52 1.16
C HIS A 654 11.91 -24.50 1.12
N VAL A 655 12.95 -25.26 1.48
CA VAL A 655 13.24 -26.48 0.70
C VAL A 655 13.59 -27.67 1.60
N PRO A 656 13.27 -28.90 1.18
CA PRO A 656 13.69 -30.09 1.89
C PRO A 656 15.20 -30.25 1.73
N GLN A 657 15.82 -30.88 2.69
CA GLN A 657 17.28 -31.04 2.72
C GLN A 657 17.81 -31.60 1.41
N GLU A 658 17.06 -32.52 0.84
CA GLU A 658 17.48 -33.21 -0.38
C GLU A 658 17.72 -32.25 -1.54
N GLN A 659 17.09 -31.06 -1.49
CA GLN A 659 17.15 -30.11 -2.62
C GLN A 659 17.84 -28.79 -2.20
N MET A 660 18.45 -28.78 -1.04
CA MET A 660 19.08 -27.53 -0.60
C MET A 660 20.25 -27.16 -1.51
N GLY A 661 20.97 -28.12 -2.08
CA GLY A 661 22.10 -27.80 -2.94
C GLY A 661 21.69 -27.09 -4.21
N GLY A 662 20.60 -27.55 -4.85
CA GLY A 662 20.12 -26.87 -6.04
C GLY A 662 19.58 -25.49 -5.75
N ALA A 663 18.92 -25.32 -4.61
CA ALA A 663 18.38 -24.01 -4.24
C ALA A 663 19.51 -23.02 -3.99
N MET A 664 20.53 -23.43 -3.23
N MET A 664 20.52 -23.44 -3.23
CA MET A 664 21.64 -22.51 -2.96
CA MET A 664 21.68 -22.55 -2.93
C MET A 664 22.43 -22.18 -4.22
C MET A 664 22.37 -22.18 -4.24
N ARG A 665 22.60 -23.16 -5.11
CA ARG A 665 23.27 -22.89 -6.38
C ARG A 665 22.48 -21.90 -7.23
N GLU A 666 21.16 -22.06 -7.29
CA GLU A 666 20.34 -21.18 -8.11
C GLU A 666 20.42 -19.74 -7.62
N ILE A 667 20.35 -19.54 -6.30
CA ILE A 667 20.34 -18.18 -5.78
C ILE A 667 21.73 -17.56 -5.89
N GLN A 668 22.78 -18.29 -5.57
CA GLN A 668 24.17 -17.78 -5.66
C GLN A 668 24.60 -17.54 -7.11
N GLY A 669 23.99 -18.19 -8.07
CA GLY A 669 24.31 -17.93 -9.46
C GLY A 669 23.67 -16.69 -10.03
N ARG A 670 22.75 -16.08 -9.27
CA ARG A 670 22.06 -14.85 -9.66
C ARG A 670 22.55 -13.67 -8.84
N ARG A 671 23.86 -13.64 -8.55
CA ARG A 671 24.46 -12.57 -7.75
C ARG A 671 23.83 -12.49 -6.35
N GLY A 672 23.29 -13.61 -5.88
CA GLY A 672 22.63 -13.65 -4.60
C GLY A 672 23.59 -13.89 -3.45
N ALA A 673 23.21 -13.38 -2.28
CA ALA A 673 23.95 -13.59 -1.06
C ALA A 673 23.01 -14.20 -0.03
N ILE A 674 23.47 -15.23 0.66
CA ILE A 674 22.68 -15.89 1.67
C ILE A 674 22.70 -15.04 2.94
N LEU A 675 21.52 -14.71 3.45
CA LEU A 675 21.40 -13.92 4.67
C LEU A 675 21.13 -14.76 5.90
N ASP A 676 20.54 -15.94 5.70
CA ASP A 676 20.24 -16.86 6.83
C ASP A 676 19.85 -18.24 6.30
N MET A 677 20.17 -19.26 7.08
CA MET A 677 19.70 -20.63 6.79
C MET A 677 19.25 -21.18 8.13
N LYS A 678 18.00 -21.59 8.18
CA LYS A 678 17.36 -22.12 9.38
C LYS A 678 16.87 -23.54 9.06
N THR A 679 17.27 -24.48 9.88
CA THR A 679 16.80 -25.85 9.69
C THR A 679 15.67 -26.13 10.66
N GLU A 680 14.50 -26.49 10.14
CA GLU A 680 13.34 -26.87 10.99
C GLU A 680 12.87 -28.25 10.55
N GLY A 681 13.34 -29.31 11.23
CA GLY A 681 12.96 -30.66 10.79
C GLY A 681 13.84 -31.13 9.67
N ASP A 682 13.28 -31.66 8.59
CA ASP A 682 14.17 -32.05 7.48
C ASP A 682 14.05 -31.01 6.36
N THR A 683 13.67 -29.79 6.74
N THR A 683 13.66 -29.79 6.75
CA THR A 683 13.57 -28.69 5.77
CA THR A 683 13.43 -28.64 5.84
C THR A 683 14.39 -27.48 6.22
C THR A 683 14.35 -27.47 6.20
N THR A 684 14.87 -26.79 5.19
CA THR A 684 15.69 -25.61 5.42
C THR A 684 14.95 -24.39 4.88
N ILE A 685 14.97 -23.31 5.65
CA ILE A 685 14.45 -22.02 5.20
C ILE A 685 15.67 -21.17 4.90
N ILE A 686 15.84 -20.82 3.63
CA ILE A 686 16.95 -19.98 3.18
C ILE A 686 16.44 -18.56 3.03
N GLU A 687 17.12 -17.59 3.66
CA GLU A 687 16.86 -16.15 3.44
C GLU A 687 18.07 -15.59 2.67
N ALA A 688 17.78 -15.00 1.54
CA ALA A 688 18.84 -14.48 0.70
C ALA A 688 18.41 -13.14 0.14
N LYS A 689 19.37 -12.45 -0.46
CA LYS A 689 19.08 -11.23 -1.22
C LYS A 689 19.72 -11.35 -2.58
N ALA A 690 19.07 -10.75 -3.57
CA ALA A 690 19.55 -10.79 -4.93
C ALA A 690 19.02 -9.57 -5.66
N PRO A 691 19.76 -9.07 -6.66
CA PRO A 691 19.24 -7.95 -7.45
C PRO A 691 18.00 -8.37 -8.22
N VAL A 692 17.01 -7.46 -8.25
CA VAL A 692 15.84 -7.64 -9.10
C VAL A 692 16.27 -7.98 -10.53
N ALA A 693 17.32 -7.32 -11.03
CA ALA A 693 17.81 -7.56 -12.38
C ALA A 693 18.30 -8.99 -12.59
N GLN A 694 18.60 -9.70 -11.52
CA GLN A 694 19.07 -11.08 -11.59
C GLN A 694 17.98 -12.10 -11.29
N LEU A 695 16.75 -11.66 -11.04
CA LEU A 695 15.69 -12.58 -10.61
C LEU A 695 14.65 -12.89 -11.68
N PHE A 696 14.83 -12.37 -12.90
CA PHE A 696 13.93 -12.74 -13.99
C PHE A 696 14.11 -14.22 -14.34
N GLY A 697 12.99 -14.94 -14.45
CA GLY A 697 13.02 -16.37 -14.68
C GLY A 697 13.29 -17.22 -13.46
N PHE A 698 13.27 -16.63 -12.26
CA PHE A 698 13.58 -17.39 -11.05
C PHE A 698 12.56 -18.49 -10.80
N ALA A 699 11.28 -18.21 -11.05
CA ALA A 699 10.22 -19.17 -10.74
C ALA A 699 10.46 -20.52 -11.42
N GLY A 700 10.70 -20.49 -12.73
CA GLY A 700 10.95 -21.72 -13.45
C GLY A 700 12.28 -22.37 -13.09
N ASP A 701 13.30 -21.56 -12.83
CA ASP A 701 14.62 -22.11 -12.54
C ASP A 701 14.66 -22.74 -11.15
N ILE A 702 14.06 -22.11 -10.15
CA ILE A 702 14.07 -22.69 -8.81
C ILE A 702 13.25 -23.98 -8.78
N ARG A 703 12.21 -24.04 -9.58
CA ARG A 703 11.35 -25.29 -9.71
C ARG A 703 12.14 -26.49 -10.30
N SER A 704 12.84 -26.23 -11.36
CA SER A 704 13.62 -27.33 -11.93
C SER A 704 14.82 -27.66 -11.08
N ALA A 705 15.46 -26.65 -10.48
CA ALA A 705 16.63 -26.90 -9.64
C ALA A 705 16.28 -27.71 -8.40
N THR A 706 15.02 -27.72 -7.98
CA THR A 706 14.62 -28.41 -6.76
C THR A 706 13.57 -29.48 -7.00
N GLU A 707 13.33 -29.89 -8.25
CA GLU A 707 12.32 -30.88 -8.59
C GLU A 707 10.94 -30.50 -8.05
N GLY A 708 10.64 -29.21 -8.11
CA GLY A 708 9.36 -28.70 -7.69
C GLY A 708 9.15 -28.62 -6.19
N ARG A 709 10.18 -28.87 -5.39
CA ARG A 709 9.99 -28.97 -3.95
C ARG A 709 10.21 -27.66 -3.21
N ALA A 710 10.89 -26.68 -3.81
CA ALA A 710 11.05 -25.39 -3.15
C ALA A 710 9.74 -24.63 -3.16
N MET A 711 9.42 -24.03 -2.02
CA MET A 711 8.40 -23.00 -1.91
C MET A 711 9.14 -21.70 -1.64
N TRP A 712 8.77 -20.64 -2.35
CA TRP A 712 9.51 -19.40 -2.18
C TRP A 712 8.58 -18.19 -2.21
N SER A 713 9.07 -17.10 -1.60
CA SER A 713 8.37 -15.78 -1.47
C SER A 713 9.49 -14.74 -1.45
N THR A 714 9.03 -13.50 -1.51
CA THR A 714 10.02 -12.40 -1.52
C THR A 714 9.47 -11.16 -0.80
N GLU A 715 10.38 -10.27 -0.53
CA GLU A 715 9.97 -8.96 0.00
C GLU A 715 11.03 -7.99 -0.51
N PHE A 716 10.58 -6.77 -0.72
CA PHE A 716 11.55 -5.80 -1.28
C PHE A 716 12.53 -5.47 -0.19
N LEU A 717 13.81 -5.43 -0.51
CA LEU A 717 14.83 -5.14 0.49
C LEU A 717 15.24 -3.68 0.46
N GLY A 718 15.64 -3.17 -0.68
CA GLY A 718 16.07 -1.80 -0.79
C GLY A 718 16.95 -1.61 -2.00
N PHE A 719 17.42 -0.38 -2.16
CA PHE A 719 18.33 -0.01 -3.24
C PHE A 719 19.75 0.02 -2.71
N GLU A 720 20.64 -0.66 -3.42
CA GLU A 720 22.04 -0.73 -2.98
C GLU A 720 22.94 -0.22 -4.11
N PRO A 721 24.14 0.24 -3.77
CA PRO A 721 25.03 0.78 -4.74
C PRO A 721 25.59 -0.22 -5.76
N ILE A 722 25.56 0.12 -7.02
CA ILE A 722 26.12 -0.79 -8.01
C ILE A 722 27.64 -0.76 -7.88
N PRO A 723 28.35 -1.81 -8.31
CA PRO A 723 29.82 -1.78 -8.23
C PRO A 723 30.40 -0.58 -8.98
N ALA A 724 31.49 -0.06 -8.48
CA ALA A 724 32.13 1.17 -9.00
C ALA A 724 32.53 1.01 -10.47
N ASN A 725 32.95 -0.19 -10.85
CA ASN A 725 33.49 -0.45 -12.20
C ASN A 725 32.37 -0.93 -13.11
N MET A 726 31.13 -0.57 -12.76
CA MET A 726 29.97 -0.90 -13.58
C MET A 726 29.12 0.36 -13.70
N LEU A 727 29.56 1.44 -13.08
CA LEU A 727 28.77 2.68 -13.13
C LEU A 727 28.66 3.18 -14.57
N ALA A 728 29.79 3.46 -15.22
CA ALA A 728 29.74 4.03 -16.57
C ALA A 728 28.95 3.15 -17.52
N GLU A 729 29.19 1.85 -17.48
CA GLU A 729 28.47 0.93 -18.37
C GLU A 729 27.01 0.88 -17.97
N THR A 730 26.70 0.96 -16.69
CA THR A 730 25.26 0.89 -16.36
C THR A 730 24.56 2.15 -16.88
N VAL A 731 25.16 3.30 -16.62
CA VAL A 731 24.57 4.58 -17.01
C VAL A 731 24.44 4.67 -18.53
N MET A 732 25.50 4.30 -19.24
N MET A 732 25.51 4.27 -19.24
CA MET A 732 25.46 4.39 -20.71
CA MET A 732 25.49 4.36 -20.72
C MET A 732 24.36 3.47 -21.24
C MET A 732 24.40 3.45 -21.27
N GLY A 733 24.22 2.30 -20.65
CA GLY A 733 23.16 1.39 -21.08
C GLY A 733 21.78 2.00 -20.91
N ILE A 734 21.56 2.70 -19.79
CA ILE A 734 20.27 3.35 -19.57
C ILE A 734 20.07 4.50 -20.54
N ARG A 735 21.12 5.28 -20.74
CA ARG A 735 21.04 6.42 -21.69
C ARG A 735 20.77 5.87 -23.09
N GLN A 736 21.43 4.80 -23.47
CA GLN A 736 21.17 4.15 -24.78
C GLN A 736 19.70 3.75 -24.85
N ARG A 737 19.22 3.04 -23.83
N ARG A 737 19.20 3.07 -23.82
CA ARG A 737 17.81 2.60 -23.76
CA ARG A 737 17.79 2.61 -23.86
C ARG A 737 16.85 3.78 -23.94
C ARG A 737 16.83 3.80 -23.97
N LYS A 738 17.15 4.91 -23.31
CA LYS A 738 16.23 6.04 -23.29
C LYS A 738 16.40 6.99 -24.47
N GLY A 739 17.36 6.75 -25.36
CA GLY A 739 17.59 7.66 -26.46
C GLY A 739 18.22 8.97 -26.04
N LEU A 740 19.04 8.95 -24.99
CA LEU A 740 19.71 10.15 -24.50
C LEU A 740 21.10 10.26 -25.12
N LYS A 741 21.71 11.44 -24.92
CA LYS A 741 23.05 11.69 -25.45
C LYS A 741 24.02 10.64 -24.95
N LEU A 742 24.81 10.07 -25.88
CA LEU A 742 25.71 8.97 -25.58
C LEU A 742 27.02 9.42 -24.93
N GLU A 743 26.96 10.36 -23.98
CA GLU A 743 28.14 10.80 -23.26
C GLU A 743 27.75 11.04 -21.81
N MET A 744 28.71 10.79 -20.93
CA MET A 744 28.48 10.95 -19.49
C MET A 744 28.23 12.42 -19.19
N PRO A 745 27.21 12.79 -18.41
CA PRO A 745 26.99 14.21 -18.10
C PRO A 745 28.08 14.75 -17.19
N LYS A 746 28.26 16.06 -17.25
CA LYS A 746 29.22 16.78 -16.44
C LYS A 746 28.58 18.06 -15.94
N PRO A 747 29.09 18.65 -14.86
CA PRO A 747 28.42 19.82 -14.28
C PRO A 747 28.26 20.99 -15.23
N SER A 748 29.19 21.17 -16.17
CA SER A 748 29.09 22.29 -17.11
C SER A 748 27.95 22.13 -18.10
N ASP A 749 27.35 20.95 -18.21
CA ASP A 749 26.15 20.83 -19.07
C ASP A 749 24.97 21.57 -18.43
N PHE A 750 25.03 21.90 -17.16
CA PHE A 750 23.90 22.51 -16.47
C PHE A 750 24.16 23.93 -16.02
N ILE A 751 25.41 24.21 -15.73
CA ILE A 751 25.70 25.58 -15.29
C ILE A 751 26.73 26.21 -16.22
N SER A 752 26.62 27.52 -16.34
CA SER A 752 27.44 28.29 -17.25
C SER A 752 27.82 29.59 -16.55
N PRO A 753 28.91 30.24 -16.99
CA PRO A 753 29.29 31.51 -16.36
C PRO A 753 28.19 32.56 -16.44
PG GCP B . -4.43 -14.84 -2.27
O1G GCP B . -3.92 -14.94 -3.68
O2G GCP B . -5.65 -13.83 -2.18
O3G GCP B . -3.22 -14.50 -1.30
C3B GCP B . -5.11 -16.47 -1.88
PB GCP B . -6.04 -16.45 -0.31
O1B GCP B . -7.24 -15.62 -0.50
O2B GCP B . -5.11 -16.12 0.96
O3A GCP B . -6.44 -18.00 -0.10
PA GCP B . -7.69 -18.74 -0.77
O1A GCP B . -8.93 -18.56 0.11
O2A GCP B . -7.83 -18.37 -2.23
O5' GCP B . -7.23 -20.25 -0.61
C5' GCP B . -5.99 -20.70 -1.18
C4' GCP B . -5.92 -22.23 -1.18
O4' GCP B . -5.96 -22.68 0.18
C3' GCP B . -7.17 -22.79 -1.86
O3' GCP B . -6.82 -24.01 -2.51
C2' GCP B . -8.09 -23.07 -0.69
O2' GCP B . -9.09 -24.06 -0.98
C1' GCP B . -7.11 -23.50 0.38
N9 GCP B . -7.70 -23.29 1.70
C8 GCP B . -8.23 -22.16 2.20
N7 GCP B . -8.68 -22.37 3.47
C5 GCP B . -8.44 -23.66 3.77
C6 GCP B . -8.64 -24.53 4.92
O6 GCP B . -9.20 -24.13 5.94
N1 GCP B . -8.23 -25.79 4.80
C2 GCP B . -7.64 -26.29 3.70
N2 GCP B . -7.27 -27.60 3.69
N3 GCP B . -7.41 -25.55 2.60
C4 GCP B . -7.79 -24.26 2.61
MG MG C . -7.61 -14.18 -2.00
S SO4 D . 16.35 43.84 -17.36
O1 SO4 D . 16.27 42.37 -17.30
O2 SO4 D . 15.89 44.29 -18.67
O3 SO4 D . 17.73 44.27 -17.15
O4 SO4 D . 15.51 44.39 -16.31
CL CL E . 20.88 13.90 7.22
S SO4 F . 9.55 -18.08 -15.33
O1 SO4 F . 8.39 -18.65 -14.75
O2 SO4 F . 9.90 -18.72 -16.60
O3 SO4 F . 9.27 -16.72 -15.76
O4 SO4 F . 10.66 -18.14 -14.44
#